data_3M5R
#
_entry.id   3M5R
#
_cell.length_a   73.530
_cell.length_b   70.795
_cell.length_c   96.685
_cell.angle_alpha   90.000
_cell.angle_beta   110.300
_cell.angle_gamma   90.000
#
_symmetry.space_group_name_H-M   'P 1 21 1'
#
loop_
_entity.id
_entity.type
_entity.pdbx_description
1 polymer 'Nonstructural protein 1'
2 water water
#
_entity_poly.entity_id   1
_entity_poly.type   'polypeptide(L)'
_entity_poly.pdbx_seq_one_letter_code
;GSHMTIASVPTSRYLSDMTLEEMSRDWFMLMPRQKIIGPLCVRLDQAIMEKNIVLKANFSVIFNRLETLILLRAFTEEGA
IVGEISPLPSLPGHTYEDVKNAVGVLIGGLEWNGNTVRVSENIQRFAWRNCDE
;
_entity_poly.pdbx_strand_id   A,B,D,E,F,G
#
# COMPACT_ATOMS: atom_id res chain seq x y z
N HIS A 3 -9.24 -24.24 14.42
CA HIS A 3 -8.47 -23.88 13.20
C HIS A 3 -9.33 -23.64 11.93
N MET A 4 -10.11 -22.55 11.94
CA MET A 4 -11.19 -22.32 10.99
C MET A 4 -10.68 -22.12 9.56
N THR A 5 -11.50 -22.54 8.59
CA THR A 5 -11.23 -22.27 7.17
C THR A 5 -11.26 -20.77 6.91
N ILE A 6 -10.26 -20.29 6.18
CA ILE A 6 -10.16 -18.89 5.81
C ILE A 6 -10.42 -18.66 4.31
N ALA A 7 -11.47 -17.91 3.99
CA ALA A 7 -11.75 -17.52 2.60
C ALA A 7 -11.01 -16.23 2.25
N SER A 8 -10.52 -16.16 1.02
CA SER A 8 -9.82 -14.98 0.53
C SER A 8 -10.59 -14.46 -0.68
N VAL A 9 -11.22 -13.31 -0.52
CA VAL A 9 -12.11 -12.76 -1.52
C VAL A 9 -11.49 -11.50 -2.13
N PRO A 10 -11.18 -11.56 -3.43
CA PRO A 10 -10.57 -10.41 -4.11
C PRO A 10 -11.53 -9.23 -4.17
N THR A 11 -10.96 -8.02 -4.20
CA THR A 11 -11.75 -6.80 -4.34
C THR A 11 -11.10 -5.93 -5.40
N SER A 12 -11.76 -4.85 -5.78
CA SER A 12 -11.15 -3.89 -6.70
C SER A 12 -10.78 -2.60 -5.96
N ARG A 13 -10.56 -2.71 -4.65
CA ARG A 13 -10.38 -1.52 -3.79
C ARG A 13 -8.98 -0.92 -3.89
N TYR A 14 -8.08 -1.59 -4.59
CA TYR A 14 -6.71 -1.11 -4.71
C TYR A 14 -6.50 -0.28 -5.98
N LEU A 15 -6.41 1.05 -5.83
CA LEU A 15 -6.27 1.96 -6.95
C LEU A 15 -4.81 2.26 -7.23
N SER A 16 -4.45 2.37 -8.49
CA SER A 16 -3.06 2.69 -8.82
C SER A 16 -2.93 3.79 -9.89
N ASP A 17 -2.32 4.91 -9.51
CA ASP A 17 -1.98 5.97 -10.47
C ASP A 17 -0.64 5.65 -11.11
N MET A 18 0.19 4.92 -10.38
CA MET A 18 1.54 4.64 -10.85
C MET A 18 1.66 3.22 -11.37
N THR A 19 2.46 3.08 -12.43
CA THR A 19 2.85 1.77 -12.92
C THR A 19 3.71 1.11 -11.86
N LEU A 20 3.77 -0.22 -11.87
CA LEU A 20 4.67 -0.93 -10.96
C LEU A 20 6.09 -0.43 -11.15
N GLU A 21 6.42 -0.05 -12.38
CA GLU A 21 7.76 0.47 -12.64
C GLU A 21 7.97 1.77 -11.87
N GLU A 22 7.07 2.73 -12.05
CA GLU A 22 7.16 4.01 -11.36
C GLU A 22 7.22 3.79 -9.85
N MET A 23 6.49 2.79 -9.37
CA MET A 23 6.50 2.39 -7.97
C MET A 23 7.87 1.87 -7.56
N SER A 24 8.53 1.17 -8.48
CA SER A 24 9.77 0.45 -8.17
C SER A 24 10.99 1.34 -8.35
N ARG A 25 10.88 2.29 -9.27
CA ARG A 25 12.02 3.06 -9.72
C ARG A 25 12.84 3.60 -8.55
N ASP A 26 14.09 3.93 -8.83
CA ASP A 26 14.97 4.46 -7.80
C ASP A 26 15.44 5.85 -8.20
N TRP A 27 15.27 6.79 -7.30
CA TRP A 27 15.60 8.18 -7.58
C TRP A 27 16.40 8.77 -6.43
N PHE A 28 16.94 9.97 -6.66
CA PHE A 28 17.67 10.68 -5.60
C PHE A 28 17.31 12.16 -5.63
N MET A 29 17.13 12.72 -4.45
CA MET A 29 16.96 14.16 -4.37
C MET A 29 18.32 14.80 -4.54
N LEU A 30 18.39 15.82 -5.40
CA LEU A 30 19.55 16.67 -5.44
C LEU A 30 19.82 17.13 -4.03
N MET A 31 18.82 17.81 -3.47
CA MET A 31 18.88 18.45 -2.17
C MET A 31 17.81 17.84 -1.26
N PRO A 32 18.14 16.73 -0.58
CA PRO A 32 17.12 15.88 0.02
C PRO A 32 16.62 16.44 1.35
N ARG A 33 15.34 16.27 1.60
CA ARG A 33 14.76 16.58 2.89
C ARG A 33 13.73 15.51 3.16
N GLN A 34 13.74 15.02 4.39
CA GLN A 34 12.97 13.85 4.76
C GLN A 34 12.47 14.10 6.16
N LYS A 35 11.18 13.95 6.36
CA LYS A 35 10.66 14.13 7.70
C LYS A 35 9.51 13.17 7.97
N ILE A 36 9.33 12.83 9.23
CA ILE A 36 8.28 11.90 9.64
C ILE A 36 7.07 12.69 10.07
N ILE A 37 5.93 12.39 9.44
CA ILE A 37 4.67 13.02 9.77
C ILE A 37 3.73 11.93 10.26
N GLY A 38 3.57 11.82 11.58
CA GLY A 38 2.83 10.70 12.14
C GLY A 38 3.49 9.39 11.76
N PRO A 39 2.70 8.42 11.25
CA PRO A 39 3.23 7.12 10.85
C PRO A 39 3.76 7.11 9.42
N LEU A 40 3.94 8.29 8.83
CA LEU A 40 4.36 8.38 7.43
C LEU A 40 5.64 9.19 7.26
N CYS A 41 6.38 8.83 6.21
CA CYS A 41 7.61 9.52 5.86
C CYS A 41 7.38 10.36 4.60
N VAL A 42 7.70 11.65 4.68
CA VAL A 42 7.53 12.56 3.56
C VAL A 42 8.91 12.97 3.10
N ARG A 43 9.20 12.79 1.81
CA ARG A 43 10.47 13.21 1.22
C ARG A 43 10.23 14.27 0.14
N LEU A 44 11.07 15.30 0.10
CA LEU A 44 10.91 16.34 -0.91
C LEU A 44 12.25 16.93 -1.30
N ASP A 45 12.54 16.91 -2.60
CA ASP A 45 13.78 17.50 -3.12
C ASP A 45 13.68 19.00 -3.00
N GLN A 46 14.58 19.57 -2.20
CA GLN A 46 14.54 20.99 -1.88
C GLN A 46 14.97 21.89 -3.03
N ALA A 47 15.47 21.27 -4.10
CA ALA A 47 16.01 22.03 -5.23
C ALA A 47 14.91 22.40 -6.22
N ILE A 48 13.87 21.58 -6.26
CA ILE A 48 12.82 21.73 -7.27
C ILE A 48 11.93 22.92 -7.00
N MET A 49 11.93 23.88 -7.93
CA MET A 49 11.10 25.08 -7.80
C MET A 49 10.47 25.50 -9.11
N GLU A 50 9.36 26.21 -8.99
CA GLU A 50 8.65 26.77 -10.13
C GLU A 50 8.35 25.77 -11.24
N LYS A 51 8.12 24.51 -10.88
CA LYS A 51 7.70 23.51 -11.85
C LYS A 51 6.23 23.15 -11.69
N ASN A 52 5.65 22.60 -12.74
CA ASN A 52 4.34 22.00 -12.65
C ASN A 52 4.52 20.58 -12.13
N ILE A 53 3.89 20.29 -11.00
CA ILE A 53 4.08 19.02 -10.33
C ILE A 53 2.76 18.30 -10.15
N VAL A 54 2.74 17.00 -10.48
CA VAL A 54 1.56 16.18 -10.26
C VAL A 54 1.81 15.11 -9.21
N LEU A 55 0.86 14.93 -8.29
CA LEU A 55 0.98 13.88 -7.29
C LEU A 55 0.19 12.65 -7.75
N LYS A 56 0.85 11.50 -7.79
CA LYS A 56 0.20 10.23 -8.11
C LYS A 56 0.40 9.24 -6.97
N ALA A 57 -0.60 8.41 -6.69
CA ALA A 57 -0.53 7.49 -5.57
C ALA A 57 -1.12 6.12 -5.88
N ASN A 58 -0.65 5.11 -5.15
CA ASN A 58 -1.23 3.76 -5.17
C ASN A 58 -1.71 3.40 -3.77
N PHE A 59 -2.98 3.12 -3.64
CA PHE A 59 -3.57 2.93 -2.33
C PHE A 59 -4.86 2.14 -2.41
N SER A 60 -5.26 1.53 -1.30
CA SER A 60 -6.56 0.88 -1.25
C SER A 60 -7.57 1.85 -0.65
N VAL A 61 -8.84 1.63 -0.95
CA VAL A 61 -9.90 2.41 -0.33
C VAL A 61 -10.90 1.50 0.37
N ILE A 62 -11.66 2.08 1.28
CA ILE A 62 -12.76 1.38 1.91
C ILE A 62 -13.67 2.42 2.56
N PHE A 63 -14.96 2.11 2.65
CA PHE A 63 -15.93 3.07 3.18
C PHE A 63 -15.78 4.41 2.44
N ASN A 64 -15.43 4.30 1.16
CA ASN A 64 -15.35 5.42 0.23
C ASN A 64 -14.26 6.45 0.56
N ARG A 65 -13.25 6.02 1.31
CA ARG A 65 -12.15 6.88 1.71
C ARG A 65 -10.87 6.07 1.50
N LEU A 66 -9.72 6.73 1.43
CA LEU A 66 -8.46 5.99 1.41
C LEU A 66 -8.41 5.09 2.66
N GLU A 67 -7.96 3.85 2.46
CA GLU A 67 -7.76 2.91 3.57
C GLU A 67 -6.30 2.84 3.95
N THR A 68 -5.46 2.42 3.01
CA THR A 68 -4.04 2.30 3.25
C THR A 68 -3.23 2.79 2.03
N LEU A 69 -2.22 3.62 2.29
CA LEU A 69 -1.33 4.10 1.24
C LEU A 69 -0.18 3.13 1.05
N ILE A 70 0.06 2.72 -0.19
CA ILE A 70 1.28 1.98 -0.49
C ILE A 70 2.40 2.95 -0.82
N LEU A 71 2.14 3.87 -1.75
CA LEU A 71 3.13 4.87 -2.12
C LEU A 71 2.54 6.06 -2.87
N LEU A 72 3.04 7.24 -2.57
CA LEU A 72 2.70 8.43 -3.34
C LEU A 72 3.98 9.07 -3.81
N ARG A 73 4.00 9.50 -5.07
CA ARG A 73 5.18 10.19 -5.61
C ARG A 73 4.78 11.43 -6.39
N ALA A 74 5.64 12.45 -6.33
CA ALA A 74 5.41 13.70 -7.03
C ALA A 74 6.29 13.69 -8.26
N PHE A 75 5.73 14.06 -9.39
CA PHE A 75 6.42 13.95 -10.68
C PHE A 75 6.46 15.28 -11.44
N THR A 76 7.58 15.59 -12.08
CA THR A 76 7.64 16.74 -12.99
C THR A 76 6.92 16.32 -14.27
N GLU A 77 6.79 17.26 -15.21
CA GLU A 77 6.16 16.93 -16.49
C GLU A 77 6.96 15.92 -17.29
N GLU A 78 8.26 15.84 -17.03
CA GLU A 78 9.12 14.85 -17.67
C GLU A 78 8.87 13.46 -17.10
N GLY A 79 8.32 13.40 -15.90
CA GLY A 79 8.11 12.13 -15.23
C GLY A 79 9.26 11.82 -14.29
N ALA A 80 10.01 12.86 -13.92
CA ALA A 80 11.03 12.72 -12.89
C ALA A 80 10.39 12.86 -11.52
N ILE A 81 10.86 12.07 -10.57
CA ILE A 81 10.32 12.09 -9.22
C ILE A 81 10.99 13.19 -8.40
N VAL A 82 10.17 13.98 -7.70
CA VAL A 82 10.70 15.06 -6.88
C VAL A 82 10.33 14.94 -5.40
N GLY A 83 9.44 13.99 -5.09
CA GLY A 83 8.94 13.88 -3.73
C GLY A 83 8.21 12.56 -3.56
N GLU A 84 7.89 12.22 -2.32
CA GLU A 84 7.32 10.91 -2.06
C GLU A 84 6.76 10.86 -0.65
N ILE A 85 5.69 10.06 -0.48
CA ILE A 85 5.17 9.75 0.86
C ILE A 85 5.06 8.24 0.96
N SER A 86 5.69 7.65 1.97
CA SER A 86 5.62 6.21 2.12
C SER A 86 5.41 5.80 3.58
N PRO A 87 4.91 4.58 3.78
CA PRO A 87 4.75 4.10 5.15
C PRO A 87 6.13 3.94 5.78
N LEU A 88 6.22 4.12 7.08
CA LEU A 88 7.49 3.87 7.76
C LEU A 88 7.77 2.37 7.72
N PRO A 89 9.05 1.99 7.62
CA PRO A 89 9.43 0.57 7.54
C PRO A 89 8.90 -0.24 8.73
N SER A 90 8.71 0.38 9.89
CA SER A 90 7.98 -0.26 10.98
C SER A 90 6.67 -0.79 10.44
N LEU A 91 6.13 -0.11 9.44
CA LEU A 91 4.81 -0.41 8.91
C LEU A 91 3.82 -0.35 10.08
N PRO A 92 3.71 0.82 10.72
CA PRO A 92 3.00 1.04 11.99
C PRO A 92 1.48 1.15 11.84
N GLY A 93 0.97 1.10 10.62
CA GLY A 93 -0.45 1.27 10.36
C GLY A 93 -0.81 2.75 10.36
N HIS A 94 -1.74 3.13 9.48
CA HIS A 94 -2.14 4.53 9.34
C HIS A 94 -3.54 4.62 8.75
N THR A 95 -4.11 5.82 8.81
CA THR A 95 -5.47 6.05 8.36
C THR A 95 -5.53 7.19 7.35
N TYR A 96 -6.73 7.39 6.80
CA TYR A 96 -7.00 8.47 5.87
C TYR A 96 -6.54 9.82 6.46
N GLU A 97 -6.81 10.07 7.74
CA GLU A 97 -6.35 11.30 8.36
C GLU A 97 -4.82 11.46 8.36
N ASP A 98 -4.09 10.38 8.59
CA ASP A 98 -2.63 10.44 8.56
C ASP A 98 -2.14 10.82 7.16
N VAL A 99 -2.71 10.16 6.16
CA VAL A 99 -2.27 10.41 4.79
C VAL A 99 -2.57 11.84 4.39
N LYS A 100 -3.80 12.27 4.66
CA LYS A 100 -4.23 13.61 4.37
C LYS A 100 -3.28 14.62 5.01
N ASN A 101 -2.86 14.39 6.25
CA ASN A 101 -1.90 15.30 6.89
C ASN A 101 -0.57 15.36 6.16
N ALA A 102 -0.12 14.22 5.66
CA ALA A 102 1.20 14.13 5.07
C ALA A 102 1.19 14.76 3.67
N VAL A 103 0.08 14.62 2.97
CA VAL A 103 -0.10 15.23 1.65
C VAL A 103 -0.12 16.75 1.81
N GLY A 104 -0.78 17.22 2.86
CA GLY A 104 -0.78 18.63 3.20
C GLY A 104 0.64 19.13 3.39
N VAL A 105 1.45 18.32 4.08
CA VAL A 105 2.82 18.71 4.32
C VAL A 105 3.59 18.75 3.01
N LEU A 106 3.52 17.68 2.24
CA LEU A 106 4.26 17.63 0.98
C LEU A 106 3.86 18.80 0.06
N ILE A 107 2.57 18.99 -0.12
CA ILE A 107 2.10 20.03 -1.01
C ILE A 107 2.59 21.37 -0.49
N GLY A 108 2.62 21.49 0.84
CA GLY A 108 3.12 22.67 1.51
C GLY A 108 4.55 22.97 1.14
N GLY A 109 5.41 21.96 1.21
CA GLY A 109 6.81 22.13 0.89
C GLY A 109 7.01 22.48 -0.58
N LEU A 110 6.19 21.86 -1.43
CA LEU A 110 6.23 22.15 -2.86
C LEU A 110 5.88 23.60 -3.20
N GLU A 111 4.84 24.12 -2.54
CA GLU A 111 4.36 25.45 -2.81
C GLU A 111 5.24 26.52 -2.20
N TRP A 112 5.97 26.13 -1.16
CA TRP A 112 6.98 27.01 -0.61
C TRP A 112 8.00 27.29 -1.69
N ASN A 113 8.29 26.27 -2.49
CA ASN A 113 9.21 26.44 -3.61
C ASN A 113 8.55 26.88 -4.90
N GLY A 114 7.35 27.46 -4.81
CA GLY A 114 6.67 28.05 -5.95
C GLY A 114 6.29 27.10 -7.07
N ASN A 115 6.13 25.82 -6.72
CA ASN A 115 5.71 24.82 -7.70
C ASN A 115 4.22 24.82 -7.81
N THR A 116 3.72 24.52 -9.00
CA THR A 116 2.29 24.37 -9.18
C THR A 116 1.88 22.92 -9.03
N VAL A 117 1.05 22.63 -8.04
CA VAL A 117 0.72 21.24 -7.75
C VAL A 117 -0.70 20.90 -8.14
N ARG A 118 -0.85 19.83 -8.91
CA ARG A 118 -2.13 19.16 -9.04
C ARG A 118 -2.05 17.69 -8.57
N VAL A 119 -3.17 17.13 -8.12
CA VAL A 119 -3.19 15.74 -7.69
C VAL A 119 -4.04 14.91 -8.65
N SER A 120 -3.81 13.61 -8.69
CA SER A 120 -4.55 12.74 -9.60
C SER A 120 -6.01 12.74 -9.20
N GLU A 121 -6.88 12.29 -10.11
CA GLU A 121 -8.31 12.20 -9.81
C GLU A 121 -8.58 11.34 -8.58
N ASN A 122 -7.91 10.18 -8.52
CA ASN A 122 -8.04 9.29 -7.39
C ASN A 122 -7.70 9.97 -6.06
N ILE A 123 -6.58 10.69 -6.01
CA ILE A 123 -6.22 11.39 -4.78
C ILE A 123 -7.26 12.43 -4.40
N GLN A 124 -7.80 13.12 -5.40
CA GLN A 124 -8.83 14.13 -5.15
C GLN A 124 -10.05 13.50 -4.52
N ARG A 125 -10.46 12.38 -5.08
CA ARG A 125 -11.67 11.70 -4.65
C ARG A 125 -11.51 11.08 -3.26
N PHE A 126 -10.39 10.42 -3.00
CA PHE A 126 -10.28 9.57 -1.81
C PHE A 126 -9.30 10.02 -0.73
N ALA A 127 -8.37 10.90 -1.06
CA ALA A 127 -7.22 11.09 -0.19
C ALA A 127 -7.02 12.54 0.23
N TRP A 128 -7.48 13.47 -0.60
CA TRP A 128 -7.22 14.88 -0.37
C TRP A 128 -8.01 15.73 -1.35
N HIS B 3 -16.43 54.33 1.34
CA HIS B 3 -15.22 53.83 0.67
C HIS B 3 -15.38 53.76 -0.84
N MET B 4 -16.61 53.87 -1.33
CA MET B 4 -16.88 53.92 -2.77
C MET B 4 -18.15 54.72 -3.09
N THR B 5 -18.64 55.47 -2.11
CA THR B 5 -19.77 56.36 -2.34
C THR B 5 -19.30 57.72 -2.87
N ILE B 6 -18.24 58.24 -2.25
CA ILE B 6 -17.71 59.56 -2.59
C ILE B 6 -17.66 59.83 -4.10
N ALA B 7 -18.11 61.02 -4.51
CA ALA B 7 -18.24 61.35 -5.92
C ALA B 7 -16.94 61.78 -6.61
N SER B 8 -16.77 61.29 -7.83
CA SER B 8 -15.76 61.75 -8.81
C SER B 8 -14.30 61.35 -8.54
N VAL B 9 -13.97 61.03 -7.29
CA VAL B 9 -12.62 60.55 -6.98
C VAL B 9 -12.65 59.15 -6.35
N PRO B 10 -11.56 58.40 -6.52
CA PRO B 10 -11.44 57.10 -5.85
C PRO B 10 -11.00 57.29 -4.40
N THR B 11 -11.64 56.57 -3.49
CA THR B 11 -11.20 56.55 -2.09
C THR B 11 -10.17 55.44 -1.91
N SER B 12 -8.99 55.78 -1.39
CA SER B 12 -8.05 54.76 -0.95
C SER B 12 -8.35 54.38 0.50
N ARG B 13 -8.12 53.12 0.86
CA ARG B 13 -8.28 52.70 2.25
C ARG B 13 -7.09 51.93 2.81
N TYR B 14 -6.79 52.18 4.07
CA TYR B 14 -5.82 51.41 4.81
C TYR B 14 -6.58 50.42 5.67
N LEU B 15 -6.59 49.16 5.24
CA LEU B 15 -7.21 48.08 6.03
C LEU B 15 -6.14 47.45 6.91
N SER B 16 -6.42 47.37 8.21
CA SER B 16 -5.41 46.90 9.15
C SER B 16 -5.91 45.77 10.05
N ASP B 17 -5.26 44.62 9.91
CA ASP B 17 -5.51 43.47 10.78
C ASP B 17 -4.65 43.62 12.02
N MET B 18 -3.50 44.25 11.85
CA MET B 18 -2.53 44.41 12.90
C MET B 18 -2.59 45.81 13.49
N THR B 19 -2.51 45.88 14.82
CA THR B 19 -2.39 47.14 15.53
C THR B 19 -1.01 47.72 15.27
N LEU B 20 -0.87 49.01 15.55
CA LEU B 20 0.43 49.67 15.41
C LEU B 20 1.49 48.90 16.18
N GLU B 21 1.15 48.48 17.39
CA GLU B 21 2.06 47.76 18.25
C GLU B 21 2.58 46.54 17.50
N GLU B 22 1.65 45.70 17.04
CA GLU B 22 1.97 44.53 16.23
C GLU B 22 2.81 44.84 14.99
N MET B 23 2.53 46.00 14.38
CA MET B 23 3.21 46.41 13.15
C MET B 23 4.68 46.70 13.37
N SER B 24 4.98 47.40 14.46
CA SER B 24 6.33 47.88 14.66
C SER B 24 7.07 47.00 15.66
N ARG B 25 6.33 46.11 16.31
CA ARG B 25 6.97 45.17 17.24
C ARG B 25 8.17 44.54 16.56
N ASP B 26 9.25 44.40 17.31
CA ASP B 26 10.44 43.73 16.81
C ASP B 26 10.33 42.25 17.16
N TRP B 27 10.68 41.38 16.22
CA TRP B 27 10.58 39.95 16.46
C TRP B 27 11.80 39.22 15.92
N PHE B 28 12.00 38.00 16.40
CA PHE B 28 13.20 37.23 16.11
C PHE B 28 12.82 35.79 15.78
N MET B 29 13.56 35.21 14.84
CA MET B 29 13.35 33.83 14.41
C MET B 29 14.52 32.95 14.83
N LEU B 30 14.22 31.86 15.52
CA LEU B 30 15.26 30.91 15.90
C LEU B 30 15.96 30.31 14.66
N MET B 31 15.16 29.83 13.70
CA MET B 31 15.67 29.18 12.50
C MET B 31 15.08 29.80 11.23
N PRO B 32 15.56 31.00 10.89
CA PRO B 32 15.07 31.78 9.73
C PRO B 32 15.08 31.02 8.39
N ARG B 33 13.95 31.08 7.68
CA ARG B 33 13.83 30.60 6.31
C ARG B 33 13.29 31.79 5.52
N GLN B 34 13.94 32.12 4.41
CA GLN B 34 13.59 33.33 3.66
C GLN B 34 13.69 33.17 2.14
N LYS B 35 12.63 33.62 1.44
CA LYS B 35 12.60 33.62 0.00
C LYS B 35 12.22 35.00 -0.53
N ILE B 36 12.85 35.38 -1.64
CA ILE B 36 12.45 36.58 -2.37
C ILE B 36 11.52 36.12 -3.47
N ILE B 37 10.29 36.65 -3.47
CA ILE B 37 9.26 36.22 -4.39
C ILE B 37 8.85 37.44 -5.19
N GLY B 38 9.52 37.63 -6.33
CA GLY B 38 9.33 38.85 -7.09
C GLY B 38 9.75 40.06 -6.26
N PRO B 39 8.87 41.06 -6.15
CA PRO B 39 9.18 42.29 -5.41
C PRO B 39 8.86 42.18 -3.93
N LEU B 40 8.61 40.98 -3.43
CA LEU B 40 8.30 40.81 -2.01
C LEU B 40 9.25 39.85 -1.31
N CYS B 41 9.40 40.02 0.00
CA CYS B 41 10.26 39.17 0.79
C CYS B 41 9.42 38.33 1.73
N VAL B 42 9.59 37.01 1.70
CA VAL B 42 8.88 36.11 2.60
C VAL B 42 9.85 35.55 3.64
N ARG B 43 9.50 35.69 4.91
CA ARG B 43 10.31 35.12 5.99
C ARG B 43 9.47 34.22 6.90
N LEU B 44 10.07 33.11 7.34
CA LEU B 44 9.37 32.12 8.11
C LEU B 44 10.30 31.52 9.18
N ASP B 45 9.82 31.38 10.41
CA ASP B 45 10.62 30.71 11.45
C ASP B 45 10.37 29.23 11.35
N GLN B 46 11.40 28.48 11.00
CA GLN B 46 11.29 27.04 10.85
C GLN B 46 11.11 26.29 12.17
N ALA B 47 11.41 26.95 13.29
CA ALA B 47 11.29 26.30 14.60
C ALA B 47 9.86 26.37 15.13
N ILE B 48 8.89 26.58 14.22
CA ILE B 48 7.49 26.63 14.60
C ILE B 48 6.76 25.47 13.94
N MET B 49 6.23 24.55 14.73
CA MET B 49 5.53 23.39 14.16
C MET B 49 4.26 23.03 14.90
N GLU B 50 3.33 22.42 14.17
CA GLU B 50 2.10 21.91 14.74
C GLU B 50 1.39 22.95 15.58
N LYS B 51 1.49 24.21 15.17
CA LYS B 51 0.78 25.25 15.87
C LYS B 51 -0.38 25.76 15.02
N ASN B 52 -1.35 26.39 15.67
CA ASN B 52 -2.39 27.09 14.95
C ASN B 52 -1.86 28.48 14.62
N ILE B 53 -1.85 28.81 13.34
CA ILE B 53 -1.28 30.08 12.91
C ILE B 53 -2.33 30.87 12.15
N VAL B 54 -2.39 32.17 12.43
CA VAL B 54 -3.26 33.05 11.68
C VAL B 54 -2.39 34.10 10.98
N LEU B 55 -2.79 34.44 9.76
CA LEU B 55 -2.12 35.50 9.00
C LEU B 55 -2.91 36.79 9.15
N LYS B 56 -2.20 37.88 9.39
CA LYS B 56 -2.81 39.18 9.54
C LYS B 56 -2.04 40.13 8.62
N ALA B 57 -2.76 40.99 7.91
CA ALA B 57 -2.09 41.91 6.99
C ALA B 57 -2.63 43.31 7.12
N ASN B 58 -1.76 44.28 6.88
CA ASN B 58 -2.17 45.66 6.74
C ASN B 58 -1.87 46.07 5.30
N PHE B 59 -2.89 46.55 4.60
CA PHE B 59 -2.66 46.91 3.22
C PHE B 59 -3.48 48.10 2.76
N SER B 60 -3.09 48.63 1.60
CA SER B 60 -3.83 49.71 0.97
C SER B 60 -4.72 49.17 -0.16
N VAL B 61 -5.98 49.55 -0.11
CA VAL B 61 -6.94 49.14 -1.13
C VAL B 61 -7.37 50.39 -1.89
N ILE B 62 -7.53 50.28 -3.22
CA ILE B 62 -8.14 51.36 -3.98
C ILE B 62 -9.37 50.78 -4.66
N PHE B 63 -10.45 51.54 -4.67
CA PHE B 63 -11.73 50.98 -5.04
C PHE B 63 -11.95 49.72 -4.16
N ASN B 64 -12.11 48.57 -4.81
CA ASN B 64 -12.28 47.31 -4.07
C ASN B 64 -11.22 46.28 -4.41
N ARG B 65 -10.01 46.74 -4.70
CA ARG B 65 -8.92 45.85 -5.03
C ARG B 65 -7.69 46.19 -4.22
N LEU B 66 -7.02 45.15 -3.74
CA LEU B 66 -5.76 45.34 -3.06
C LEU B 66 -4.88 46.14 -3.98
N GLU B 67 -4.21 47.15 -3.43
CA GLU B 67 -3.32 47.98 -4.23
C GLU B 67 -1.88 47.82 -3.78
N THR B 68 -1.68 47.78 -2.46
CA THR B 68 -0.34 47.79 -1.89
C THR B 68 -0.32 47.02 -0.58
N LEU B 69 0.49 45.99 -0.50
CA LEU B 69 0.69 45.34 0.79
C LEU B 69 1.67 46.17 1.59
N ILE B 70 1.30 46.56 2.80
CA ILE B 70 2.26 47.24 3.67
C ILE B 70 3.02 46.21 4.49
N LEU B 71 2.29 45.32 5.17
CA LEU B 71 2.96 44.23 5.83
C LEU B 71 1.97 43.12 6.16
N LEU B 72 2.48 41.89 6.20
CA LEU B 72 1.71 40.74 6.64
C LEU B 72 2.56 40.01 7.64
N ARG B 73 1.93 39.56 8.73
CA ARG B 73 2.64 38.75 9.70
C ARG B 73 1.75 37.58 10.13
N ALA B 74 2.41 36.45 10.41
CA ALA B 74 1.74 35.24 10.89
C ALA B 74 1.89 35.17 12.40
N PHE B 75 0.79 34.87 13.08
CA PHE B 75 0.78 34.83 14.55
C PHE B 75 0.34 33.48 15.10
N THR B 76 0.93 33.09 16.22
CA THR B 76 0.46 31.95 17.00
C THR B 76 -0.77 32.42 17.80
N GLU B 77 -1.51 31.47 18.38
CA GLU B 77 -2.64 31.82 19.23
C GLU B 77 -2.19 32.71 20.39
N GLU B 78 -1.01 32.43 20.91
CA GLU B 78 -0.42 33.21 21.99
C GLU B 78 -0.01 34.62 21.59
N GLY B 79 -0.09 34.93 20.29
CA GLY B 79 0.18 36.27 19.81
C GLY B 79 1.59 36.52 19.32
N ALA B 80 2.39 35.44 19.24
CA ALA B 80 3.78 35.57 18.80
C ALA B 80 3.89 35.60 17.26
N ILE B 81 4.89 36.31 16.76
CA ILE B 81 5.12 36.45 15.32
C ILE B 81 6.08 35.41 14.79
N VAL B 82 5.67 34.65 13.78
CA VAL B 82 6.48 33.52 13.33
C VAL B 82 6.81 33.59 11.84
N GLY B 83 6.25 34.59 11.17
CA GLY B 83 6.48 34.73 9.74
C GLY B 83 6.08 36.11 9.28
N GLU B 84 6.50 36.47 8.07
CA GLU B 84 6.23 37.80 7.60
C GLU B 84 6.43 37.93 6.10
N ILE B 85 5.61 38.78 5.50
CA ILE B 85 5.81 39.18 4.11
C ILE B 85 5.89 40.69 4.09
N SER B 86 6.92 41.20 3.43
CA SER B 86 7.05 42.64 3.28
C SER B 86 7.63 42.99 1.92
N PRO B 87 7.42 44.23 1.49
CA PRO B 87 8.04 44.69 0.24
C PRO B 87 9.53 44.76 0.40
N LEU B 88 10.27 44.52 -0.67
CA LEU B 88 11.71 44.79 -0.68
C LEU B 88 11.98 46.24 -0.28
N PRO B 89 13.16 46.49 0.31
CA PRO B 89 13.60 47.84 0.71
C PRO B 89 13.50 48.86 -0.42
N SER B 90 13.83 48.45 -1.65
CA SER B 90 13.78 49.35 -2.80
C SER B 90 12.35 49.72 -3.19
N LEU B 91 11.38 49.11 -2.49
CA LEU B 91 9.95 49.29 -2.78
C LEU B 91 9.61 49.19 -4.28
N PRO B 92 9.90 48.02 -4.89
CA PRO B 92 9.80 47.74 -6.33
C PRO B 92 8.44 47.92 -7.00
N GLY B 93 7.36 48.15 -6.25
CA GLY B 93 6.05 48.18 -6.87
C GLY B 93 5.57 46.75 -7.12
N HIS B 94 4.34 46.45 -6.75
CA HIS B 94 3.87 45.07 -6.84
C HIS B 94 2.38 45.05 -7.00
N THR B 95 1.83 43.93 -7.44
CA THR B 95 0.40 43.82 -7.62
C THR B 95 -0.23 42.76 -6.74
N TYR B 96 -1.55 42.66 -6.81
CA TYR B 96 -2.32 41.57 -6.22
C TYR B 96 -1.71 40.21 -6.53
N GLU B 97 -1.39 39.97 -7.80
CA GLU B 97 -0.83 38.69 -8.19
C GLU B 97 0.45 38.39 -7.43
N ASP B 98 1.28 39.41 -7.25
CA ASP B 98 2.51 39.23 -6.51
C ASP B 98 2.19 38.89 -5.05
N VAL B 99 1.26 39.65 -4.47
CA VAL B 99 0.86 39.42 -3.08
C VAL B 99 0.29 38.02 -2.91
N LYS B 100 -0.60 37.62 -3.81
CA LYS B 100 -1.18 36.29 -3.78
C LYS B 100 -0.10 35.20 -3.83
N ASN B 101 0.87 35.33 -4.74
CA ASN B 101 1.94 34.32 -4.81
C ASN B 101 2.75 34.23 -3.52
N ALA B 102 3.02 35.38 -2.90
CA ALA B 102 3.86 35.40 -1.71
C ALA B 102 3.12 34.75 -0.57
N VAL B 103 1.82 35.00 -0.48
CA VAL B 103 0.99 34.38 0.53
C VAL B 103 0.98 32.87 0.35
N GLY B 104 0.86 32.41 -0.90
CA GLY B 104 0.84 30.99 -1.15
C GLY B 104 2.12 30.35 -0.65
N VAL B 105 3.24 31.03 -0.87
CA VAL B 105 4.54 30.55 -0.43
C VAL B 105 4.62 30.49 1.10
N LEU B 106 4.25 31.58 1.77
CA LEU B 106 4.32 31.60 3.23
C LEU B 106 3.44 30.49 3.80
N ILE B 107 2.24 30.35 3.28
CA ILE B 107 1.35 29.30 3.78
C ILE B 107 1.95 27.92 3.53
N GLY B 108 2.49 27.72 2.33
CA GLY B 108 3.18 26.48 2.02
C GLY B 108 4.25 26.15 3.05
N GLY B 109 5.09 27.13 3.36
CA GLY B 109 6.20 26.95 4.29
C GLY B 109 5.70 26.55 5.66
N LEU B 110 4.65 27.23 6.12
CA LEU B 110 4.06 26.93 7.42
C LEU B 110 3.50 25.52 7.47
N GLU B 111 2.87 25.10 6.38
CA GLU B 111 2.20 23.80 6.33
C GLU B 111 3.15 22.62 6.21
N TRP B 112 4.31 22.88 5.65
CA TRP B 112 5.37 21.89 5.61
C TRP B 112 5.83 21.56 7.03
N ASN B 113 5.65 22.49 7.96
CA ASN B 113 5.98 22.24 9.35
C ASN B 113 4.78 21.78 10.16
N GLY B 114 3.71 21.44 9.45
CA GLY B 114 2.56 20.80 10.07
C GLY B 114 1.69 21.79 10.80
N ASN B 115 1.91 23.07 10.52
CA ASN B 115 1.07 24.11 11.10
C ASN B 115 -0.29 24.17 10.45
N THR B 116 -1.29 24.55 11.23
CA THR B 116 -2.62 24.80 10.68
C THR B 116 -2.81 26.30 10.50
N VAL B 117 -3.03 26.72 9.27
CA VAL B 117 -2.97 28.14 8.94
C VAL B 117 -4.31 28.67 8.52
N ARG B 118 -4.77 29.72 9.19
CA ARG B 118 -5.97 30.42 8.73
C ARG B 118 -5.61 31.86 8.39
N VAL B 119 -6.39 32.46 7.51
CA VAL B 119 -6.14 33.85 7.14
C VAL B 119 -7.30 34.73 7.54
N SER B 120 -6.99 35.99 7.84
CA SER B 120 -8.02 36.96 8.17
C SER B 120 -9.01 37.13 7.03
N GLU B 121 -10.19 37.66 7.35
CA GLU B 121 -11.22 37.94 6.35
C GLU B 121 -10.67 38.85 5.28
N ASN B 122 -9.96 39.89 5.71
CA ASN B 122 -9.39 40.86 4.77
C ASN B 122 -8.44 40.23 3.78
N ILE B 123 -7.56 39.37 4.27
CA ILE B 123 -6.66 38.64 3.39
C ILE B 123 -7.46 37.77 2.43
N GLN B 124 -8.47 37.10 2.95
CA GLN B 124 -9.28 36.21 2.14
C GLN B 124 -10.00 37.01 1.06
N ARG B 125 -10.39 38.22 1.40
CA ARG B 125 -11.15 39.07 0.49
C ARG B 125 -10.27 39.69 -0.59
N PHE B 126 -9.10 40.18 -0.21
CA PHE B 126 -8.28 40.94 -1.16
C PHE B 126 -6.98 40.29 -1.63
N ALA B 127 -6.42 39.40 -0.82
CA ALA B 127 -5.07 38.90 -1.09
C ALA B 127 -4.96 37.39 -1.38
N TRP B 128 -6.03 36.62 -1.15
CA TRP B 128 -5.94 35.17 -1.24
C TRP B 128 -7.04 34.58 -2.10
N SER C 8 2.01 -15.31 7.18
CA SER C 8 1.11 -15.17 6.03
C SER C 8 -0.10 -16.10 6.18
N VAL C 9 -1.06 -15.96 5.27
CA VAL C 9 -2.12 -16.96 5.11
C VAL C 9 -1.91 -17.60 3.76
N PRO C 10 -1.68 -18.90 3.74
CA PRO C 10 -1.27 -19.49 2.48
C PRO C 10 -2.48 -19.84 1.62
N THR C 11 -3.12 -18.82 1.06
CA THR C 11 -3.98 -19.02 -0.09
C THR C 11 -3.60 -17.98 -1.15
N SER C 12 -4.08 -18.18 -2.37
CA SER C 12 -3.63 -17.38 -3.50
C SER C 12 -4.32 -16.03 -3.55
N ARG C 13 -3.63 -15.08 -4.18
CA ARG C 13 -4.16 -13.74 -4.43
C ARG C 13 -4.54 -13.65 -5.91
N TYR C 14 -5.66 -13.02 -6.22
CA TYR C 14 -6.15 -12.95 -7.58
C TYR C 14 -5.73 -11.67 -8.25
N LEU C 15 -5.07 -11.76 -9.40
CA LEU C 15 -4.65 -10.59 -10.18
C LEU C 15 -5.44 -10.49 -11.48
N SER C 16 -6.01 -9.34 -11.77
CA SER C 16 -6.88 -9.21 -12.94
C SER C 16 -6.52 -8.03 -13.87
N ASP C 17 -6.05 -8.34 -15.08
CA ASP C 17 -5.86 -7.30 -16.10
C ASP C 17 -7.15 -7.06 -16.85
N MET C 18 -7.99 -8.08 -16.92
CA MET C 18 -9.19 -8.00 -17.73
C MET C 18 -10.43 -7.83 -16.85
N THR C 19 -11.35 -7.02 -17.32
CA THR C 19 -12.67 -6.91 -16.73
C THR C 19 -13.38 -8.24 -16.97
N LEU C 20 -14.45 -8.50 -16.24
CA LEU C 20 -15.19 -9.72 -16.47
C LEU C 20 -15.85 -9.67 -17.85
N GLU C 21 -16.10 -8.46 -18.35
CA GLU C 21 -16.64 -8.28 -19.69
C GLU C 21 -15.63 -8.66 -20.78
N GLU C 22 -14.40 -8.18 -20.62
CA GLU C 22 -13.33 -8.49 -21.55
C GLU C 22 -13.09 -9.99 -21.57
N MET C 23 -13.29 -10.60 -20.40
CA MET C 23 -13.04 -12.02 -20.24
C MET C 23 -14.25 -12.84 -20.68
N SER C 24 -15.41 -12.20 -20.74
CA SER C 24 -16.65 -12.86 -21.18
C SER C 24 -16.93 -12.71 -22.69
N ARG C 25 -16.32 -11.71 -23.31
CA ARG C 25 -16.67 -11.37 -24.69
C ARG C 25 -16.45 -12.53 -25.64
N ASP C 26 -17.33 -12.65 -26.64
CA ASP C 26 -17.08 -13.63 -27.68
C ASP C 26 -16.23 -12.95 -28.75
N TRP C 27 -15.47 -13.73 -29.49
CA TRP C 27 -14.61 -13.17 -30.52
C TRP C 27 -14.31 -14.27 -31.50
N PHE C 28 -13.67 -13.90 -32.61
CA PHE C 28 -13.41 -14.81 -33.71
C PHE C 28 -12.08 -14.44 -34.38
N MET C 29 -11.47 -15.42 -35.02
CA MET C 29 -10.24 -15.17 -35.76
C MET C 29 -10.52 -15.21 -37.27
N LEU C 30 -9.96 -14.28 -38.01
CA LEU C 30 -10.06 -14.29 -39.46
C LEU C 30 -9.34 -15.50 -40.01
N MET C 31 -8.11 -15.70 -39.55
CA MET C 31 -7.36 -16.89 -39.89
C MET C 31 -6.95 -17.60 -38.60
N PRO C 32 -7.80 -18.54 -38.15
CA PRO C 32 -7.66 -19.15 -36.84
C PRO C 32 -6.49 -20.12 -36.81
N ARG C 33 -5.68 -20.03 -35.78
CA ARG C 33 -4.69 -21.05 -35.50
C ARG C 33 -4.83 -21.40 -34.04
N GLN C 34 -4.73 -22.69 -33.74
CA GLN C 34 -4.82 -23.22 -32.38
C GLN C 34 -3.69 -24.20 -32.19
N LYS C 35 -2.95 -24.08 -31.09
CA LYS C 35 -1.98 -25.10 -30.73
C LYS C 35 -2.26 -25.53 -29.30
N ILE C 36 -2.13 -26.82 -29.04
CA ILE C 36 -2.19 -27.29 -27.66
C ILE C 36 -0.77 -27.33 -27.13
N ILE C 37 -0.48 -26.52 -26.13
CA ILE C 37 0.86 -26.47 -25.56
C ILE C 37 0.77 -26.99 -24.14
N GLY C 38 1.15 -28.25 -23.92
CA GLY C 38 0.98 -28.87 -22.62
C GLY C 38 -0.49 -28.87 -22.27
N PRO C 39 -0.83 -28.52 -21.02
CA PRO C 39 -2.23 -28.49 -20.56
C PRO C 39 -3.02 -27.24 -21.00
N LEU C 40 -2.47 -26.43 -21.92
CA LEU C 40 -3.06 -25.15 -22.30
C LEU C 40 -3.36 -25.05 -23.80
N CYS C 41 -4.42 -24.32 -24.15
CA CYS C 41 -4.73 -24.06 -25.54
C CYS C 41 -4.31 -22.64 -25.92
N VAL C 42 -3.47 -22.51 -26.95
CA VAL C 42 -3.04 -21.20 -27.46
C VAL C 42 -3.72 -20.95 -28.80
N ARG C 43 -4.40 -19.82 -28.91
CA ARG C 43 -5.08 -19.46 -30.13
C ARG C 43 -4.53 -18.11 -30.60
N LEU C 44 -4.40 -17.93 -31.92
CA LEU C 44 -3.89 -16.69 -32.48
C LEU C 44 -4.43 -16.45 -33.90
N ASP C 45 -4.99 -15.28 -34.14
CA ASP C 45 -5.50 -14.94 -35.46
C ASP C 45 -4.30 -14.62 -36.35
N GLN C 46 -3.98 -15.48 -37.28
CA GLN C 46 -2.83 -15.23 -38.15
C GLN C 46 -3.02 -14.03 -39.09
N ALA C 47 -4.24 -13.54 -39.22
CA ALA C 47 -4.46 -12.37 -40.09
C ALA C 47 -3.94 -11.08 -39.46
N ILE C 48 -3.62 -11.13 -38.16
CA ILE C 48 -3.18 -9.92 -37.47
C ILE C 48 -1.69 -9.70 -37.64
N MET C 49 -1.34 -8.58 -38.27
CA MET C 49 0.04 -8.27 -38.63
C MET C 49 0.36 -6.81 -38.41
N GLU C 50 1.58 -6.55 -37.97
CA GLU C 50 2.13 -5.21 -37.78
C GLU C 50 1.24 -4.29 -36.96
N LYS C 51 0.70 -4.82 -35.87
CA LYS C 51 -0.01 -4.02 -34.91
C LYS C 51 0.65 -4.02 -33.55
N ASN C 52 0.26 -3.07 -32.71
CA ASN C 52 0.68 -3.03 -31.32
C ASN C 52 -0.32 -3.88 -30.56
N ILE C 53 0.19 -4.93 -29.93
CA ILE C 53 -0.68 -5.88 -29.25
C ILE C 53 -0.26 -5.97 -27.79
N VAL C 54 -1.23 -6.02 -26.89
CA VAL C 54 -0.91 -6.20 -25.47
C VAL C 54 -1.56 -7.48 -24.91
N LEU C 55 -0.79 -8.24 -24.13
CA LEU C 55 -1.33 -9.41 -23.42
C LEU C 55 -1.86 -8.99 -22.06
N LYS C 56 -3.09 -9.40 -21.78
CA LYS C 56 -3.68 -9.17 -20.47
C LYS C 56 -4.13 -10.51 -19.93
N ALA C 57 -3.91 -10.76 -18.65
CA ALA C 57 -4.37 -12.02 -18.09
C ALA C 57 -5.00 -11.87 -16.70
N ASN C 58 -5.85 -12.82 -16.36
CA ASN C 58 -6.44 -12.93 -15.03
C ASN C 58 -6.00 -14.27 -14.45
N PHE C 59 -5.41 -14.21 -13.27
CA PHE C 59 -4.79 -15.38 -12.67
C PHE C 59 -4.59 -15.23 -11.17
N SER C 60 -4.39 -16.36 -10.50
CA SER C 60 -4.07 -16.36 -9.08
C SER C 60 -2.58 -16.52 -8.87
N VAL C 61 -2.13 -16.02 -7.72
CA VAL C 61 -0.72 -16.00 -7.41
C VAL C 61 -0.53 -16.48 -5.99
N ILE C 62 0.49 -17.29 -5.76
CA ILE C 62 0.86 -17.67 -4.41
C ILE C 62 2.38 -17.83 -4.42
N PHE C 63 3.01 -17.61 -3.27
CA PHE C 63 4.46 -17.70 -3.17
C PHE C 63 5.14 -16.92 -4.30
N ASN C 64 4.55 -15.78 -4.65
CA ASN C 64 5.14 -14.86 -5.62
C ASN C 64 5.36 -15.48 -7.01
N ARG C 65 4.53 -16.47 -7.35
CA ARG C 65 4.52 -17.04 -8.71
C ARG C 65 3.09 -17.38 -9.10
N LEU C 66 2.81 -17.34 -10.39
CA LEU C 66 1.49 -17.66 -10.90
C LEU C 66 1.13 -19.08 -10.47
N GLU C 67 -0.12 -19.28 -10.07
CA GLU C 67 -0.57 -20.57 -9.61
C GLU C 67 -1.67 -21.12 -10.53
N THR C 68 -2.70 -20.31 -10.77
CA THR C 68 -3.78 -20.73 -11.66
C THR C 68 -4.05 -19.66 -12.70
N LEU C 69 -3.90 -20.00 -13.98
CA LEU C 69 -4.35 -19.10 -15.05
C LEU C 69 -5.83 -19.27 -15.28
N ILE C 70 -6.57 -18.19 -15.16
CA ILE C 70 -7.97 -18.22 -15.55
C ILE C 70 -8.09 -17.98 -17.07
N LEU C 71 -7.41 -16.96 -17.57
CA LEU C 71 -7.52 -16.65 -18.99
C LEU C 71 -6.54 -15.56 -19.36
N LEU C 72 -5.94 -15.70 -20.53
CA LEU C 72 -5.08 -14.66 -21.04
C LEU C 72 -5.65 -14.29 -22.39
N ARG C 73 -5.78 -13.00 -22.66
CA ARG C 73 -6.19 -12.58 -23.99
C ARG C 73 -5.22 -11.57 -24.56
N ALA C 74 -5.15 -11.54 -25.89
CA ALA C 74 -4.35 -10.54 -26.58
C ALA C 74 -5.24 -9.54 -27.30
N PHE C 75 -4.92 -8.25 -27.18
CA PHE C 75 -5.78 -7.18 -27.66
C PHE C 75 -5.04 -6.19 -28.54
N THR C 76 -5.73 -5.67 -29.55
CA THR C 76 -5.22 -4.51 -30.28
C THR C 76 -5.53 -3.25 -29.47
N GLU C 77 -4.90 -2.14 -29.85
CA GLU C 77 -5.14 -0.85 -29.19
C GLU C 77 -6.62 -0.47 -29.16
N GLU C 78 -7.36 -0.88 -30.17
CA GLU C 78 -8.77 -0.55 -30.22
C GLU C 78 -9.58 -1.53 -29.38
N GLY C 79 -8.92 -2.50 -28.78
CA GLY C 79 -9.58 -3.38 -27.84
C GLY C 79 -10.12 -4.67 -28.43
N ALA C 80 -9.73 -4.98 -29.66
CA ALA C 80 -10.17 -6.22 -30.30
C ALA C 80 -9.31 -7.42 -29.88
N ILE C 81 -9.95 -8.56 -29.68
CA ILE C 81 -9.24 -9.75 -29.20
C ILE C 81 -8.61 -10.47 -30.39
N VAL C 82 -7.32 -10.77 -30.33
CA VAL C 82 -6.67 -11.43 -31.47
C VAL C 82 -5.99 -12.77 -31.10
N GLY C 83 -6.02 -13.12 -29.81
CA GLY C 83 -5.34 -14.32 -29.39
C GLY C 83 -5.70 -14.59 -27.95
N GLU C 84 -5.41 -15.80 -27.48
CA GLU C 84 -5.88 -16.21 -26.17
C GLU C 84 -5.09 -17.41 -25.71
N ILE C 85 -4.94 -17.55 -24.40
CA ILE C 85 -4.43 -18.78 -23.82
C ILE C 85 -5.44 -19.16 -22.74
N SER C 86 -5.92 -20.40 -22.80
CA SER C 86 -6.90 -20.89 -21.83
C SER C 86 -6.60 -22.32 -21.41
N PRO C 87 -6.98 -22.68 -20.17
CA PRO C 87 -6.79 -24.06 -19.69
C PRO C 87 -7.59 -25.00 -20.56
N LEU C 88 -7.13 -26.24 -20.72
CA LEU C 88 -7.90 -27.21 -21.47
C LEU C 88 -9.11 -27.57 -20.64
N PRO C 89 -10.26 -27.78 -21.31
CA PRO C 89 -11.54 -28.09 -20.66
C PRO C 89 -11.41 -29.18 -19.59
N SER C 90 -10.71 -30.26 -19.92
CA SER C 90 -10.46 -31.35 -18.99
C SER C 90 -9.78 -30.86 -17.72
N LEU C 91 -9.38 -29.60 -17.71
CA LEU C 91 -8.58 -29.06 -16.61
C LEU C 91 -7.63 -30.10 -16.04
N PRO C 92 -6.68 -30.58 -16.87
CA PRO C 92 -5.69 -31.56 -16.42
C PRO C 92 -4.69 -31.01 -15.37
N GLY C 93 -4.74 -29.70 -15.09
CA GLY C 93 -3.85 -29.08 -14.12
C GLY C 93 -2.63 -28.45 -14.77
N HIS C 94 -2.30 -27.23 -14.37
CA HIS C 94 -1.19 -26.52 -14.99
C HIS C 94 -0.38 -25.79 -13.94
N THR C 95 0.85 -25.48 -14.29
CA THR C 95 1.74 -24.75 -13.41
C THR C 95 2.30 -23.48 -14.06
N TYR C 96 2.94 -22.66 -13.23
CA TYR C 96 3.69 -21.52 -13.69
C TYR C 96 4.49 -21.83 -14.99
N GLU C 97 5.24 -22.92 -14.98
CA GLU C 97 6.07 -23.28 -16.13
C GLU C 97 5.26 -23.54 -17.39
N ASP C 98 4.08 -24.13 -17.25
CA ASP C 98 3.22 -24.38 -18.40
C ASP C 98 2.76 -23.06 -18.99
N VAL C 99 2.43 -22.11 -18.13
CA VAL C 99 1.91 -20.85 -18.63
C VAL C 99 3.02 -20.07 -19.35
N LYS C 100 4.19 -20.03 -18.73
CA LYS C 100 5.36 -19.42 -19.34
C LYS C 100 5.63 -19.99 -20.73
N ASN C 101 5.52 -21.30 -20.87
CA ASN C 101 5.76 -21.96 -22.17
C ASN C 101 4.75 -21.48 -23.19
N ALA C 102 3.47 -21.51 -22.82
CA ALA C 102 2.40 -21.07 -23.74
C ALA C 102 2.52 -19.61 -24.13
N VAL C 103 2.92 -18.77 -23.18
CA VAL C 103 3.10 -17.32 -23.43
C VAL C 103 4.20 -17.11 -24.47
N GLY C 104 5.31 -17.81 -24.32
CA GLY C 104 6.40 -17.74 -25.27
C GLY C 104 5.96 -18.11 -26.68
N VAL C 105 5.10 -19.12 -26.80
CA VAL C 105 4.56 -19.54 -28.09
C VAL C 105 3.66 -18.48 -28.70
N LEU C 106 2.71 -17.98 -27.93
CA LEU C 106 1.83 -16.90 -28.42
C LEU C 106 2.60 -15.65 -28.88
N ILE C 107 3.57 -15.22 -28.07
CA ILE C 107 4.37 -14.06 -28.45
C ILE C 107 5.16 -14.33 -29.75
N GLY C 108 5.67 -15.56 -29.85
CA GLY C 108 6.39 -16.02 -31.03
C GLY C 108 5.53 -15.82 -32.25
N GLY C 109 4.29 -16.32 -32.19
CA GLY C 109 3.37 -16.23 -33.30
C GLY C 109 3.06 -14.80 -33.67
N LEU C 110 2.96 -13.94 -32.66
CA LEU C 110 2.66 -12.55 -32.91
C LEU C 110 3.87 -11.83 -33.55
N GLU C 111 5.07 -12.17 -33.11
CA GLU C 111 6.25 -11.51 -33.65
C GLU C 111 6.63 -12.02 -35.05
N TRP C 112 6.33 -13.27 -35.32
CA TRP C 112 6.40 -13.79 -36.70
C TRP C 112 5.57 -12.91 -37.64
N ASN C 113 4.46 -12.36 -37.13
CA ASN C 113 3.65 -11.47 -37.96
C ASN C 113 3.93 -10.00 -37.78
N GLY C 114 5.09 -9.69 -37.20
CA GLY C 114 5.59 -8.33 -37.20
C GLY C 114 4.84 -7.45 -36.24
N ASN C 115 4.11 -8.07 -35.32
CA ASN C 115 3.40 -7.32 -34.30
C ASN C 115 4.34 -6.84 -33.21
N THR C 116 4.06 -5.66 -32.69
CA THR C 116 4.77 -5.18 -31.54
C THR C 116 3.99 -5.60 -30.27
N VAL C 117 4.58 -6.47 -29.48
CA VAL C 117 3.91 -7.09 -28.34
C VAL C 117 4.41 -6.53 -27.02
N ARG C 118 3.52 -6.00 -26.19
CA ARG C 118 3.89 -5.72 -24.81
C ARG C 118 3.02 -6.58 -23.92
N VAL C 119 3.57 -7.04 -22.78
CA VAL C 119 2.82 -7.83 -21.81
C VAL C 119 2.47 -6.95 -20.63
N SER C 120 1.31 -7.19 -20.02
CA SER C 120 0.90 -6.38 -18.89
C SER C 120 1.94 -6.52 -17.77
N GLU C 121 1.92 -5.58 -16.84
CA GLU C 121 2.85 -5.59 -15.71
C GLU C 121 2.79 -6.86 -14.89
N ASN C 122 1.56 -7.30 -14.61
CA ASN C 122 1.36 -8.51 -13.84
C ASN C 122 1.93 -9.74 -14.53
N ILE C 123 1.75 -9.80 -15.85
CA ILE C 123 2.28 -10.92 -16.61
C ILE C 123 3.80 -10.90 -16.51
N GLN C 124 4.40 -9.73 -16.73
CA GLN C 124 5.84 -9.61 -16.63
C GLN C 124 6.35 -10.11 -15.28
N ARG C 125 5.64 -9.73 -14.23
CA ARG C 125 6.04 -10.02 -12.86
C ARG C 125 5.80 -11.48 -12.43
N PHE C 126 4.77 -12.14 -12.96
CA PHE C 126 4.44 -13.49 -12.47
C PHE C 126 4.40 -14.59 -13.50
N ALA C 127 4.46 -14.26 -14.78
CA ALA C 127 4.21 -15.29 -15.77
C ALA C 127 5.24 -15.37 -16.87
N TRP C 128 5.80 -14.22 -17.24
CA TRP C 128 6.71 -14.11 -18.37
C TRP C 128 8.17 -14.05 -17.92
N SER D 8 36.33 8.11 -47.96
CA SER D 8 36.42 8.61 -46.59
C SER D 8 35.81 7.64 -45.58
N VAL D 9 34.98 6.72 -46.09
CA VAL D 9 34.37 5.68 -45.26
C VAL D 9 35.35 4.52 -45.05
N PRO D 10 35.54 4.12 -43.78
CA PRO D 10 36.49 3.06 -43.42
C PRO D 10 36.07 1.70 -43.94
N THR D 11 37.06 0.90 -44.35
CA THR D 11 36.80 -0.43 -44.84
C THR D 11 36.02 -1.24 -43.79
N SER D 12 34.99 -1.93 -44.27
CA SER D 12 34.16 -2.75 -43.41
C SER D 12 34.90 -4.01 -43.05
N ARG D 13 34.45 -4.66 -41.99
CA ARG D 13 35.08 -5.86 -41.49
C ARG D 13 34.09 -7.01 -41.63
N TYR D 14 34.55 -8.16 -42.09
CA TYR D 14 33.69 -9.29 -42.34
C TYR D 14 33.61 -10.19 -41.10
N LEU D 15 32.40 -10.41 -40.58
CA LEU D 15 32.22 -11.35 -39.48
C LEU D 15 31.55 -12.61 -39.99
N SER D 16 32.08 -13.77 -39.62
CA SER D 16 31.54 -15.03 -40.13
C SER D 16 31.26 -16.04 -39.03
N ASP D 17 29.98 -16.37 -38.81
CA ASP D 17 29.61 -17.46 -37.90
C ASP D 17 29.61 -18.79 -38.64
N MET D 18 29.15 -18.76 -39.89
CA MET D 18 29.04 -19.97 -40.68
C MET D 18 30.31 -20.22 -41.47
N THR D 19 30.54 -21.48 -41.80
CA THR D 19 31.60 -21.87 -42.69
C THR D 19 31.07 -21.69 -44.10
N LEU D 20 31.97 -21.70 -45.08
CA LEU D 20 31.56 -21.60 -46.47
C LEU D 20 30.65 -22.75 -46.84
N GLU D 21 30.93 -23.92 -46.26
CA GLU D 21 30.10 -25.08 -46.54
C GLU D 21 28.67 -24.82 -46.04
N GLU D 22 28.57 -24.28 -44.83
CA GLU D 22 27.26 -23.99 -44.23
C GLU D 22 26.48 -22.93 -45.01
N MET D 23 27.18 -21.95 -45.57
CA MET D 23 26.51 -20.92 -46.37
C MET D 23 26.07 -21.39 -47.75
N SER D 24 26.86 -22.24 -48.39
CA SER D 24 26.56 -22.62 -49.76
C SER D 24 25.69 -23.87 -49.84
N ARG D 25 25.65 -24.64 -48.75
CA ARG D 25 24.83 -25.86 -48.73
C ARG D 25 23.42 -25.59 -49.25
N ASP D 26 22.94 -26.51 -50.09
CA ASP D 26 21.55 -26.51 -50.52
C ASP D 26 20.68 -27.12 -49.43
N TRP D 27 19.41 -26.75 -49.41
CA TRP D 27 18.47 -27.30 -48.43
C TRP D 27 17.05 -27.04 -48.91
N PHE D 28 16.09 -27.78 -48.36
CA PHE D 28 14.70 -27.57 -48.72
C PHE D 28 13.87 -27.50 -47.44
N MET D 29 12.83 -26.71 -47.47
CA MET D 29 11.89 -26.74 -46.35
C MET D 29 10.88 -27.82 -46.66
N LEU D 30 10.66 -28.72 -45.71
CA LEU D 30 9.65 -29.73 -45.89
C LEU D 30 8.27 -29.07 -45.91
N MET D 31 8.07 -28.08 -45.03
CA MET D 31 6.86 -27.27 -45.07
C MET D 31 7.26 -25.80 -45.19
N PRO D 32 7.42 -25.31 -46.43
CA PRO D 32 7.97 -23.99 -46.74
C PRO D 32 7.09 -22.84 -46.30
N ARG D 33 7.68 -21.91 -45.57
CA ARG D 33 7.02 -20.65 -45.26
C ARG D 33 8.03 -19.55 -45.50
N GLN D 34 7.54 -18.42 -46.01
CA GLN D 34 8.39 -17.34 -46.46
C GLN D 34 7.67 -16.02 -46.22
N LYS D 35 8.40 -15.04 -45.70
CA LYS D 35 7.89 -13.69 -45.54
C LYS D 35 8.92 -12.70 -46.06
N ILE D 36 8.48 -11.66 -46.76
CA ILE D 36 9.35 -10.56 -47.10
C ILE D 36 9.22 -9.45 -46.07
N ILE D 37 10.29 -9.22 -45.33
CA ILE D 37 10.34 -8.23 -44.26
C ILE D 37 11.25 -7.12 -44.74
N GLY D 38 10.67 -5.98 -45.09
CA GLY D 38 11.44 -4.92 -45.72
C GLY D 38 12.20 -5.50 -46.90
N PRO D 39 13.49 -5.17 -47.02
CA PRO D 39 14.29 -5.63 -48.16
C PRO D 39 14.91 -7.01 -47.95
N LEU D 40 14.36 -7.79 -47.02
CA LEU D 40 14.92 -9.10 -46.70
C LEU D 40 13.88 -10.21 -46.86
N CYS D 41 14.36 -11.41 -47.18
CA CYS D 41 13.49 -12.57 -47.28
C CYS D 41 13.70 -13.45 -46.07
N VAL D 42 12.62 -13.86 -45.39
CA VAL D 42 12.74 -14.74 -44.23
C VAL D 42 12.07 -16.07 -44.55
N ARG D 43 12.79 -17.16 -44.40
CA ARG D 43 12.30 -18.49 -44.66
C ARG D 43 12.42 -19.36 -43.44
N LEU D 44 11.40 -20.19 -43.21
CA LEU D 44 11.40 -21.06 -42.06
C LEU D 44 10.61 -22.31 -42.37
N ASP D 45 11.15 -23.44 -41.98
CA ASP D 45 10.51 -24.72 -42.24
C ASP D 45 9.55 -24.99 -41.10
N GLN D 46 8.24 -24.98 -41.42
CA GLN D 46 7.21 -25.22 -40.44
C GLN D 46 7.23 -26.63 -39.85
N ALA D 47 7.91 -27.55 -40.51
CA ALA D 47 7.97 -28.91 -39.98
C ALA D 47 8.88 -29.00 -38.74
N ILE D 48 9.65 -27.97 -38.45
CA ILE D 48 10.58 -28.05 -37.32
C ILE D 48 9.98 -27.54 -36.01
N MET D 49 9.80 -28.43 -35.05
CA MET D 49 9.16 -28.10 -33.78
C MET D 49 9.93 -28.63 -32.59
N GLU D 50 9.91 -27.89 -31.50
CA GLU D 50 10.48 -28.34 -30.23
C GLU D 50 11.94 -28.76 -30.30
N LYS D 51 12.72 -28.07 -31.12
CA LYS D 51 14.15 -28.34 -31.21
C LYS D 51 14.97 -27.22 -30.59
N ASN D 52 16.24 -27.50 -30.33
CA ASN D 52 17.15 -26.45 -29.94
C ASN D 52 17.79 -25.85 -31.20
N ILE D 53 17.60 -24.55 -31.40
CA ILE D 53 18.02 -23.92 -32.64
C ILE D 53 19.00 -22.79 -32.35
N VAL D 54 20.03 -22.70 -33.18
CA VAL D 54 21.00 -21.61 -33.11
C VAL D 54 21.01 -20.85 -34.43
N LEU D 55 21.03 -19.52 -34.34
CA LEU D 55 21.14 -18.67 -35.51
C LEU D 55 22.60 -18.29 -35.69
N LYS D 56 23.08 -18.42 -36.93
CA LYS D 56 24.44 -18.04 -37.28
C LYS D 56 24.39 -17.14 -38.50
N ALA D 57 25.20 -16.08 -38.53
CA ALA D 57 25.17 -15.18 -39.67
C ALA D 57 26.57 -14.77 -40.13
N ASN D 58 26.67 -14.40 -41.40
CA ASN D 58 27.88 -13.79 -41.94
C ASN D 58 27.49 -12.44 -42.51
N PHE D 59 28.19 -11.40 -42.05
CA PHE D 59 27.89 -10.04 -42.43
C PHE D 59 29.09 -9.15 -42.25
N SER D 60 28.97 -7.90 -42.68
CA SER D 60 30.03 -6.93 -42.49
C SER D 60 29.56 -5.85 -41.51
N VAL D 61 30.49 -5.33 -40.71
CA VAL D 61 30.22 -4.19 -39.84
C VAL D 61 31.21 -3.08 -40.12
N ILE D 62 30.84 -1.86 -39.78
CA ILE D 62 31.76 -0.72 -39.78
C ILE D 62 31.68 -0.08 -38.40
N PHE D 63 32.73 -0.26 -37.60
CA PHE D 63 32.73 0.16 -36.20
C PHE D 63 31.52 -0.32 -35.43
N ASN D 64 31.52 -1.58 -35.05
CA ASN D 64 30.45 -2.07 -34.18
C ASN D 64 29.05 -1.63 -34.65
N ARG D 65 28.89 -1.45 -35.95
CA ARG D 65 27.57 -1.31 -36.53
C ARG D 65 27.42 -2.11 -37.82
N LEU D 66 26.49 -3.07 -37.82
CA LEU D 66 26.23 -3.88 -38.99
C LEU D 66 26.14 -3.03 -40.24
N GLU D 67 26.79 -3.49 -41.30
CA GLU D 67 26.78 -2.78 -42.58
C GLU D 67 25.97 -3.54 -43.61
N THR D 68 26.37 -4.77 -43.91
CA THR D 68 25.67 -5.59 -44.88
C THR D 68 25.50 -7.03 -44.40
N LEU D 69 24.28 -7.55 -44.43
CA LEU D 69 24.07 -8.96 -44.13
C LEU D 69 24.33 -9.76 -45.39
N ILE D 70 25.15 -10.79 -45.30
CA ILE D 70 25.33 -11.69 -46.40
C ILE D 70 24.34 -12.83 -46.31
N LEU D 71 24.32 -13.50 -45.17
CA LEU D 71 23.37 -14.58 -44.98
C LEU D 71 23.22 -14.92 -43.51
N LEU D 72 22.00 -15.27 -43.12
CA LEU D 72 21.77 -15.82 -41.80
C LEU D 72 20.99 -17.12 -41.96
N ARG D 73 21.45 -18.15 -41.29
CA ARG D 73 20.74 -19.41 -41.25
C ARG D 73 20.54 -19.92 -39.82
N ALA D 74 19.44 -20.64 -39.64
CA ALA D 74 19.10 -21.29 -38.37
C ALA D 74 19.47 -22.75 -38.46
N PHE D 75 20.16 -23.26 -37.44
CA PHE D 75 20.61 -24.66 -37.44
C PHE D 75 20.07 -25.44 -36.24
N THR D 76 19.77 -26.72 -36.46
CA THR D 76 19.56 -27.66 -35.35
C THR D 76 20.91 -27.98 -34.75
N GLU D 77 20.88 -28.55 -33.55
CA GLU D 77 22.08 -29.02 -32.87
C GLU D 77 22.93 -29.97 -33.73
N GLU D 78 22.29 -30.69 -34.63
CA GLU D 78 23.04 -31.59 -35.51
C GLU D 78 23.58 -30.91 -36.78
N GLY D 79 23.19 -29.65 -37.00
CA GLY D 79 23.74 -28.91 -38.11
C GLY D 79 22.82 -28.84 -39.29
N ALA D 80 21.59 -29.31 -39.11
CA ALA D 80 20.58 -29.21 -40.15
C ALA D 80 20.06 -27.77 -40.25
N ILE D 81 19.86 -27.29 -41.48
CA ILE D 81 19.33 -25.95 -41.72
C ILE D 81 17.80 -25.91 -41.67
N VAL D 82 17.24 -24.97 -40.89
CA VAL D 82 15.80 -24.92 -40.71
C VAL D 82 15.16 -23.58 -41.07
N GLY D 83 15.99 -22.58 -41.36
CA GLY D 83 15.49 -21.25 -41.60
C GLY D 83 16.59 -20.38 -42.13
N GLU D 84 16.22 -19.22 -42.67
CA GLU D 84 17.23 -18.39 -43.29
C GLU D 84 16.71 -16.98 -43.47
N ILE D 85 17.62 -16.00 -43.39
CA ILE D 85 17.34 -14.64 -43.80
C ILE D 85 18.38 -14.25 -44.87
N SER D 86 17.90 -13.73 -46.00
CA SER D 86 18.80 -13.39 -47.09
C SER D 86 18.33 -12.14 -47.78
N PRO D 87 19.27 -11.33 -48.30
CA PRO D 87 18.85 -10.14 -49.06
C PRO D 87 18.05 -10.55 -50.29
N LEU D 88 17.16 -9.68 -50.75
CA LEU D 88 16.40 -9.95 -51.96
C LEU D 88 17.33 -9.83 -53.18
N PRO D 89 17.18 -10.72 -54.16
CA PRO D 89 18.05 -10.73 -55.34
C PRO D 89 18.13 -9.33 -55.97
N SER D 90 17.00 -8.63 -55.99
CA SER D 90 16.96 -7.23 -56.38
C SER D 90 18.09 -6.46 -55.69
N LEU D 91 18.63 -7.04 -54.62
CA LEU D 91 19.59 -6.37 -53.76
C LEU D 91 19.19 -4.92 -53.51
N PRO D 92 17.95 -4.71 -53.03
CA PRO D 92 17.50 -3.32 -52.85
C PRO D 92 18.39 -2.55 -51.89
N GLY D 93 19.20 -3.26 -51.11
CA GLY D 93 19.99 -2.63 -50.07
C GLY D 93 19.20 -2.65 -48.77
N HIS D 94 19.89 -2.61 -47.64
CA HIS D 94 19.22 -2.72 -46.35
C HIS D 94 20.10 -2.16 -45.24
N THR D 95 19.49 -1.95 -44.08
CA THR D 95 20.14 -1.33 -42.95
C THR D 95 20.15 -2.24 -41.72
N TYR D 96 20.88 -1.81 -40.69
CA TYR D 96 20.88 -2.48 -39.39
C TYR D 96 19.46 -2.77 -38.95
N GLU D 97 18.63 -1.74 -38.94
CA GLU D 97 17.25 -1.89 -38.49
C GLU D 97 16.49 -2.96 -39.24
N ASP D 98 16.69 -3.06 -40.55
CA ASP D 98 16.02 -4.04 -41.38
C ASP D 98 16.38 -5.44 -40.92
N VAL D 99 17.66 -5.65 -40.62
CA VAL D 99 18.14 -6.92 -40.13
C VAL D 99 17.53 -7.25 -38.77
N LYS D 100 17.58 -6.31 -37.83
CA LYS D 100 16.98 -6.54 -36.53
C LYS D 100 15.54 -6.98 -36.69
N ASN D 101 14.80 -6.28 -37.55
CA ASN D 101 13.41 -6.62 -37.81
C ASN D 101 13.21 -8.04 -38.32
N ALA D 102 14.03 -8.45 -39.28
CA ALA D 102 13.91 -9.76 -39.90
C ALA D 102 14.27 -10.85 -38.91
N VAL D 103 15.26 -10.59 -38.07
CA VAL D 103 15.66 -11.54 -37.04
C VAL D 103 14.56 -11.75 -36.00
N GLY D 104 13.89 -10.65 -35.64
CA GLY D 104 12.78 -10.74 -34.68
C GLY D 104 11.69 -11.65 -35.25
N VAL D 105 11.37 -11.45 -36.53
CA VAL D 105 10.38 -12.27 -37.23
C VAL D 105 10.74 -13.74 -37.24
N LEU D 106 11.99 -14.05 -37.59
CA LEU D 106 12.45 -15.44 -37.67
C LEU D 106 12.41 -16.11 -36.31
N ILE D 107 12.95 -15.42 -35.31
CA ILE D 107 12.92 -15.95 -33.95
C ILE D 107 11.48 -16.20 -33.50
N GLY D 108 10.58 -15.27 -33.81
CA GLY D 108 9.17 -15.47 -33.50
C GLY D 108 8.55 -16.75 -34.09
N GLY D 109 8.73 -16.97 -35.38
CA GLY D 109 8.13 -18.13 -36.02
C GLY D 109 8.68 -19.41 -35.42
N LEU D 110 9.96 -19.37 -35.07
CA LEU D 110 10.59 -20.53 -34.47
C LEU D 110 10.03 -20.83 -33.06
N GLU D 111 9.82 -19.79 -32.26
CA GLU D 111 9.26 -19.97 -30.93
C GLU D 111 7.78 -20.36 -30.99
N TRP D 112 7.07 -19.89 -32.01
CA TRP D 112 5.69 -20.29 -32.24
C TRP D 112 5.61 -21.80 -32.34
N ASN D 113 6.64 -22.39 -32.94
CA ASN D 113 6.71 -23.84 -33.09
C ASN D 113 7.42 -24.55 -31.96
N GLY D 114 7.60 -23.86 -30.84
CA GLY D 114 8.10 -24.49 -29.64
C GLY D 114 9.59 -24.70 -29.56
N ASN D 115 10.31 -24.18 -30.55
CA ASN D 115 11.76 -24.28 -30.56
C ASN D 115 12.36 -23.34 -29.56
N THR D 116 13.47 -23.76 -28.98
CA THR D 116 14.28 -22.90 -28.11
C THR D 116 15.43 -22.34 -28.94
N VAL D 117 15.48 -21.03 -29.06
CA VAL D 117 16.40 -20.41 -29.99
C VAL D 117 17.52 -19.73 -29.25
N ARG D 118 18.76 -19.99 -29.65
CA ARG D 118 19.84 -19.17 -29.18
C ARG D 118 20.48 -18.43 -30.35
N VAL D 119 21.16 -17.33 -30.07
CA VAL D 119 21.73 -16.48 -31.09
C VAL D 119 23.24 -16.35 -30.94
N SER D 120 24.00 -16.40 -32.03
CA SER D 120 25.46 -16.22 -31.94
C SER D 120 25.81 -14.90 -31.26
N GLU D 121 26.96 -14.88 -30.59
CA GLU D 121 27.51 -13.65 -30.02
C GLU D 121 27.56 -12.49 -31.02
N ASN D 122 28.05 -12.79 -32.22
CA ASN D 122 28.08 -11.79 -33.27
C ASN D 122 26.71 -11.20 -33.58
N ILE D 123 25.70 -12.05 -33.72
CA ILE D 123 24.35 -11.56 -33.96
C ILE D 123 23.85 -10.78 -32.75
N GLN D 124 24.16 -11.29 -31.56
CA GLN D 124 23.72 -10.64 -30.33
C GLN D 124 24.30 -9.24 -30.28
N ARG D 125 25.57 -9.14 -30.65
CA ARG D 125 26.30 -7.88 -30.62
C ARG D 125 25.90 -6.89 -31.71
N PHE D 126 25.65 -7.37 -32.93
CA PHE D 126 25.45 -6.47 -34.06
C PHE D 126 24.09 -6.48 -34.74
N ALA D 127 23.35 -7.57 -34.59
CA ALA D 127 22.15 -7.73 -35.40
C ALA D 127 20.90 -7.96 -34.57
N TRP D 128 21.07 -8.10 -33.25
CA TRP D 128 19.96 -8.43 -32.36
C TRP D 128 20.00 -7.60 -31.08
N SER E 8 13.09 -34.02 56.84
CA SER E 8 11.85 -34.76 56.87
C SER E 8 10.67 -33.94 56.35
N VAL E 9 10.14 -33.07 57.21
CA VAL E 9 8.95 -32.29 56.89
C VAL E 9 9.22 -31.17 55.89
N PRO E 10 8.53 -31.21 54.73
CA PRO E 10 8.64 -30.14 53.73
C PRO E 10 8.04 -28.82 54.22
N THR E 11 8.52 -27.72 53.67
CA THR E 11 8.00 -26.41 54.04
C THR E 11 7.57 -25.63 52.79
N SER E 12 6.38 -25.04 52.83
CA SER E 12 5.94 -24.19 51.72
C SER E 12 6.67 -22.86 51.85
N ARG E 13 6.87 -22.19 50.72
CA ARG E 13 7.57 -20.92 50.74
C ARG E 13 6.56 -19.81 50.57
N TYR E 14 6.86 -18.64 51.10
CA TYR E 14 6.00 -17.49 50.90
C TYR E 14 6.53 -16.55 49.85
N LEU E 15 5.71 -16.26 48.85
CA LEU E 15 6.04 -15.23 47.90
C LEU E 15 5.12 -14.08 48.24
N SER E 16 5.68 -12.89 48.30
CA SER E 16 4.92 -11.71 48.66
C SER E 16 5.24 -10.54 47.74
N ASP E 17 4.26 -10.10 46.97
CA ASP E 17 4.44 -8.95 46.09
C ASP E 17 4.12 -7.66 46.82
N MET E 18 3.21 -7.75 47.79
CA MET E 18 2.64 -6.59 48.47
C MET E 18 3.27 -6.36 49.84
N THR E 19 3.46 -5.10 50.20
CA THR E 19 3.85 -4.76 51.56
C THR E 19 2.67 -5.01 52.50
N LEU E 20 2.96 -5.11 53.79
CA LEU E 20 1.91 -5.23 54.79
C LEU E 20 0.90 -4.08 54.66
N GLU E 21 1.42 -2.87 54.46
CA GLU E 21 0.54 -1.71 54.32
C GLU E 21 -0.40 -1.91 53.13
N GLU E 22 0.15 -2.36 52.01
CA GLU E 22 -0.67 -2.61 50.82
C GLU E 22 -1.73 -3.68 51.06
N MET E 23 -1.39 -4.70 51.82
CA MET E 23 -2.34 -5.76 52.07
C MET E 23 -3.40 -5.46 53.09
N SER E 24 -3.11 -4.55 54.01
CA SER E 24 -4.07 -4.29 55.06
C SER E 24 -4.79 -2.96 54.82
N ARG E 25 -4.37 -2.24 53.79
CA ARG E 25 -4.98 -0.97 53.47
C ARG E 25 -6.47 -1.20 53.29
N ASP E 26 -7.26 -0.24 53.79
CA ASP E 26 -8.68 -0.27 53.51
C ASP E 26 -8.90 0.48 52.22
N TRP E 27 -9.80 -0.04 51.40
CA TRP E 27 -10.14 0.66 50.18
C TRP E 27 -11.61 0.40 49.90
N PHE E 28 -12.22 1.30 49.17
CA PHE E 28 -13.58 1.02 48.75
C PHE E 28 -13.75 1.36 47.26
N MET E 29 -14.75 0.72 46.68
CA MET E 29 -15.08 0.86 45.28
C MET E 29 -16.18 1.89 45.10
N LEU E 30 -16.02 2.76 44.12
CA LEU E 30 -17.04 3.74 43.79
C LEU E 30 -18.20 3.02 43.11
N MET E 31 -17.85 2.13 42.19
CA MET E 31 -18.82 1.32 41.48
C MET E 31 -18.50 -0.16 41.70
N PRO E 32 -18.93 -0.71 42.82
CA PRO E 32 -18.59 -2.09 43.21
C PRO E 32 -19.03 -3.11 42.18
N ARG E 33 -18.12 -3.96 41.72
CA ARG E 33 -18.50 -5.17 40.97
C ARG E 33 -17.87 -6.36 41.67
N GLN E 34 -18.61 -7.45 41.82
CA GLN E 34 -18.20 -8.59 42.63
C GLN E 34 -18.74 -9.94 42.16
N LYS E 35 -17.83 -10.87 41.92
CA LYS E 35 -18.15 -12.22 41.49
C LYS E 35 -17.56 -13.25 42.46
N ILE E 36 -18.31 -14.29 42.79
CA ILE E 36 -17.77 -15.41 43.54
C ILE E 36 -17.33 -16.46 42.55
N ILE E 37 -16.03 -16.63 42.41
CA ILE E 37 -15.50 -17.62 41.47
C ILE E 37 -15.00 -18.81 42.28
N GLY E 38 -15.81 -19.85 42.35
CA GLY E 38 -15.49 -20.99 43.18
C GLY E 38 -15.42 -20.53 44.62
N PRO E 39 -14.31 -20.83 45.31
CA PRO E 39 -14.10 -20.47 46.70
C PRO E 39 -13.38 -19.13 46.85
N LEU E 40 -13.32 -18.34 45.77
CA LEU E 40 -12.70 -17.03 45.84
C LEU E 40 -13.67 -15.89 45.57
N CYS E 41 -13.40 -14.74 46.17
CA CYS E 41 -14.19 -13.56 45.90
C CYS E 41 -13.40 -12.62 45.01
N VAL E 42 -13.98 -12.22 43.89
CA VAL E 42 -13.32 -11.32 42.96
C VAL E 42 -14.04 -9.98 42.96
N ARG E 43 -13.29 -8.92 43.21
CA ARG E 43 -13.87 -7.59 43.31
C ARG E 43 -13.14 -6.63 42.40
N LEU E 44 -13.89 -5.70 41.83
CA LEU E 44 -13.36 -4.77 40.88
C LEU E 44 -14.19 -3.48 40.95
N ASP E 45 -13.53 -2.33 40.86
CA ASP E 45 -14.25 -1.06 40.83
C ASP E 45 -14.48 -0.67 39.37
N GLN E 46 -15.72 -0.67 38.91
CA GLN E 46 -15.98 -0.35 37.50
C GLN E 46 -15.67 1.11 37.14
N ALA E 47 -15.54 1.96 38.15
CA ALA E 47 -15.19 3.36 37.88
C ALA E 47 -13.79 3.54 37.30
N ILE E 48 -12.94 2.52 37.44
CA ILE E 48 -11.56 2.63 36.99
C ILE E 48 -11.41 2.19 35.54
N MET E 49 -11.09 3.14 34.66
CA MET E 49 -10.98 2.85 33.23
C MET E 49 -9.71 3.39 32.58
N GLU E 50 -9.21 2.65 31.60
CA GLU E 50 -8.08 3.07 30.78
C GLU E 50 -6.86 3.50 31.57
N LYS E 51 -6.56 2.79 32.65
CA LYS E 51 -5.33 3.03 33.37
C LYS E 51 -4.40 1.85 33.19
N ASN E 52 -3.17 1.98 33.66
CA ASN E 52 -2.23 0.88 33.61
C ASN E 52 -2.18 0.19 34.96
N ILE E 53 -2.48 -1.10 34.97
CA ILE E 53 -2.71 -1.79 36.23
C ILE E 53 -1.73 -2.93 36.41
N VAL E 54 -1.29 -3.14 37.64
CA VAL E 54 -0.45 -4.27 37.95
C VAL E 54 -1.08 -5.14 39.04
N LEU E 55 -1.02 -6.45 38.82
CA LEU E 55 -1.49 -7.41 39.80
C LEU E 55 -0.34 -7.85 40.69
N LYS E 56 -0.60 -7.79 41.99
CA LYS E 56 0.36 -8.19 43.00
C LYS E 56 -0.33 -9.15 43.96
N ALA E 57 0.37 -10.22 44.37
CA ALA E 57 -0.21 -11.20 45.25
C ALA E 57 0.76 -11.67 46.32
N ASN E 58 0.22 -12.07 47.45
CA ASN E 58 0.98 -12.75 48.51
C ASN E 58 0.38 -14.12 48.70
N PHE E 59 1.21 -15.15 48.56
CA PHE E 59 0.71 -16.51 48.59
C PHE E 59 1.83 -17.48 48.87
N SER E 60 1.48 -18.72 49.15
CA SER E 60 2.46 -19.75 49.41
C SER E 60 2.55 -20.73 48.24
N VAL E 61 3.71 -21.35 48.11
CA VAL E 61 3.99 -22.24 47.01
C VAL E 61 4.42 -23.62 47.49
N ILE E 62 4.15 -24.62 46.67
CA ILE E 62 4.71 -25.95 46.83
C ILE E 62 5.18 -26.48 45.48
N PHE E 63 6.49 -26.37 45.25
CA PHE E 63 7.12 -26.86 44.03
C PHE E 63 6.58 -26.21 42.77
N ASN E 64 6.92 -24.93 42.58
CA ASN E 64 6.57 -24.21 41.35
C ASN E 64 5.07 -24.26 41.03
N ARG E 65 4.26 -24.40 42.07
CA ARG E 65 2.81 -24.33 41.92
C ARG E 65 2.14 -23.81 43.21
N LEU E 66 1.42 -22.70 43.07
CA LEU E 66 0.71 -22.08 44.18
C LEU E 66 -0.06 -23.08 45.04
N GLU E 67 0.08 -22.94 46.36
CA GLU E 67 -0.59 -23.80 47.30
C GLU E 67 -1.76 -23.08 47.97
N THR E 68 -1.50 -21.86 48.45
CA THR E 68 -2.54 -21.08 49.11
C THR E 68 -2.40 -19.58 48.82
N LEU E 69 -3.47 -18.96 48.36
CA LEU E 69 -3.49 -17.51 48.13
C LEU E 69 -3.89 -16.84 49.43
N ILE E 70 -3.15 -15.83 49.85
CA ILE E 70 -3.60 -15.02 50.98
C ILE E 70 -4.39 -13.81 50.48
N LEU E 71 -3.80 -13.07 49.55
CA LEU E 71 -4.49 -11.95 48.93
C LEU E 71 -3.85 -11.54 47.61
N LEU E 72 -4.69 -11.12 46.67
CA LEU E 72 -4.18 -10.47 45.45
C LEU E 72 -4.88 -9.12 45.26
N ARG E 73 -4.11 -8.10 44.94
CA ARG E 73 -4.69 -6.80 44.65
C ARG E 73 -4.19 -6.23 43.35
N ALA E 74 -5.07 -5.46 42.72
CA ALA E 74 -4.73 -4.76 41.48
C ALA E 74 -4.45 -3.32 41.83
N PHE E 75 -3.30 -2.81 41.39
CA PHE E 75 -2.87 -1.44 41.68
C PHE E 75 -2.65 -0.62 40.41
N THR E 76 -2.91 0.69 40.50
CA THR E 76 -2.45 1.58 39.46
C THR E 76 -0.95 1.71 39.67
N GLU E 77 -0.24 2.16 38.66
CA GLU E 77 1.21 2.27 38.76
C GLU E 77 1.60 3.22 39.89
N GLU E 78 0.69 4.13 40.21
CA GLU E 78 0.88 5.07 41.31
C GLU E 78 0.49 4.49 42.69
N GLY E 79 -0.04 3.28 42.72
CA GLY E 79 -0.25 2.58 43.99
C GLY E 79 -1.65 2.46 44.55
N ALA E 80 -2.64 3.00 43.84
CA ALA E 80 -4.04 2.91 44.27
C ALA E 80 -4.64 1.53 43.98
N ILE E 81 -5.39 1.00 44.93
CA ILE E 81 -6.04 -0.30 44.76
C ILE E 81 -7.31 -0.17 43.93
N VAL E 82 -7.48 -1.04 42.93
CA VAL E 82 -8.67 -0.95 42.09
C VAL E 82 -9.39 -2.28 41.95
N GLY E 83 -8.83 -3.32 42.55
CA GLY E 83 -9.41 -4.64 42.44
C GLY E 83 -8.71 -5.60 43.37
N GLU E 84 -9.31 -6.77 43.56
CA GLU E 84 -8.82 -7.70 44.57
C GLU E 84 -9.37 -9.10 44.38
N ILE E 85 -8.56 -10.11 44.72
CA ILE E 85 -9.04 -11.47 44.89
C ILE E 85 -8.72 -11.96 46.31
N SER E 86 -9.74 -12.41 47.03
CA SER E 86 -9.52 -12.89 48.40
C SER E 86 -10.27 -14.18 48.68
N PRO E 87 -9.71 -15.03 49.55
CA PRO E 87 -10.40 -16.23 50.01
C PRO E 87 -11.69 -15.83 50.70
N LEU E 88 -12.70 -16.69 50.57
CA LEU E 88 -13.97 -16.46 51.24
C LEU E 88 -13.79 -16.49 52.75
N PRO E 89 -14.65 -15.77 53.47
CA PRO E 89 -14.63 -15.83 54.93
C PRO E 89 -14.74 -17.28 55.40
N SER E 90 -15.62 -18.06 54.78
CA SER E 90 -15.73 -19.50 55.05
C SER E 90 -14.36 -20.16 55.04
N LEU E 91 -13.38 -19.50 54.40
CA LEU E 91 -12.06 -20.08 54.18
C LEU E 91 -12.20 -21.56 53.86
N PRO E 92 -12.93 -21.88 52.78
CA PRO E 92 -13.23 -23.29 52.52
C PRO E 92 -12.09 -23.99 51.79
N GLY E 93 -10.97 -23.31 51.56
CA GLY E 93 -9.81 -23.92 50.93
C GLY E 93 -9.89 -23.91 49.41
N HIS E 94 -8.74 -23.90 48.74
CA HIS E 94 -8.70 -23.67 47.29
C HIS E 94 -7.40 -24.17 46.64
N THR E 95 -7.43 -24.35 45.33
CA THR E 95 -6.29 -24.92 44.62
C THR E 95 -5.66 -23.95 43.63
N TYR E 96 -4.53 -24.36 43.07
CA TYR E 96 -3.91 -23.63 41.99
C TYR E 96 -4.95 -23.28 40.92
N GLU E 97 -5.77 -24.26 40.57
CA GLU E 97 -6.76 -24.09 39.51
C GLU E 97 -7.80 -23.03 39.83
N ASP E 98 -8.24 -22.98 41.08
CA ASP E 98 -9.23 -21.99 41.51
C ASP E 98 -8.68 -20.59 41.37
N VAL E 99 -7.45 -20.41 41.83
CA VAL E 99 -6.80 -19.12 41.73
C VAL E 99 -6.58 -18.70 40.28
N LYS E 100 -6.13 -19.62 39.44
CA LYS E 100 -5.95 -19.30 38.02
C LYS E 100 -7.29 -18.86 37.42
N ASN E 101 -8.37 -19.57 37.72
CA ASN E 101 -9.67 -19.15 37.24
C ASN E 101 -10.01 -17.73 37.68
N ALA E 102 -9.81 -17.43 38.96
CA ALA E 102 -10.17 -16.11 39.47
C ALA E 102 -9.30 -15.02 38.89
N VAL E 103 -8.00 -15.30 38.73
CA VAL E 103 -7.11 -14.31 38.14
C VAL E 103 -7.56 -13.98 36.71
N GLY E 104 -8.10 -14.98 36.02
CA GLY E 104 -8.51 -14.82 34.63
C GLY E 104 -9.72 -13.92 34.53
N VAL E 105 -10.62 -14.11 35.49
CA VAL E 105 -11.81 -13.29 35.60
C VAL E 105 -11.45 -11.83 35.91
N LEU E 106 -10.55 -11.62 36.85
CA LEU E 106 -10.18 -10.27 37.26
C LEU E 106 -9.55 -9.52 36.09
N ILE E 107 -8.57 -10.16 35.46
CA ILE E 107 -7.89 -9.55 34.34
C ILE E 107 -8.91 -9.20 33.27
N GLY E 108 -9.85 -10.10 33.03
CA GLY E 108 -10.90 -9.92 32.04
C GLY E 108 -11.74 -8.67 32.30
N GLY E 109 -12.27 -8.58 33.51
CA GLY E 109 -12.99 -7.38 33.94
C GLY E 109 -12.19 -6.11 33.75
N LEU E 110 -10.92 -6.15 34.14
CA LEU E 110 -10.08 -4.96 34.03
C LEU E 110 -9.91 -4.53 32.58
N GLU E 111 -9.74 -5.51 31.70
CA GLU E 111 -9.50 -5.25 30.29
C GLU E 111 -10.77 -4.81 29.56
N TRP E 112 -11.91 -5.35 29.97
CA TRP E 112 -13.20 -4.86 29.50
C TRP E 112 -13.33 -3.35 29.75
N ASN E 113 -12.84 -2.88 30.88
CA ASN E 113 -12.90 -1.47 31.23
C ASN E 113 -11.75 -0.67 30.65
N GLY E 114 -11.06 -1.25 29.67
CA GLY E 114 -10.04 -0.53 28.95
C GLY E 114 -8.67 -0.46 29.57
N ASN E 115 -8.51 -1.07 30.76
CA ASN E 115 -7.22 -1.04 31.43
C ASN E 115 -6.20 -1.95 30.77
N THR E 116 -4.94 -1.54 30.82
CA THR E 116 -3.83 -2.38 30.41
C THR E 116 -3.30 -3.06 31.66
N VAL E 117 -3.38 -4.38 31.68
CA VAL E 117 -3.06 -5.12 32.89
C VAL E 117 -1.78 -5.91 32.74
N ARG E 118 -0.81 -5.66 33.63
CA ARG E 118 0.35 -6.53 33.73
C ARG E 118 0.28 -7.32 35.04
N VAL E 119 1.02 -8.42 35.08
CA VAL E 119 1.02 -9.33 36.22
C VAL E 119 2.45 -9.43 36.76
N SER E 120 2.61 -9.57 38.07
CA SER E 120 3.96 -9.64 38.61
C SER E 120 4.62 -10.96 38.19
N GLU E 121 5.94 -11.02 38.24
CA GLU E 121 6.65 -12.26 37.88
C GLU E 121 6.23 -13.45 38.74
N ASN E 122 6.06 -13.24 40.05
CA ASN E 122 5.59 -14.31 40.92
C ASN E 122 4.26 -14.86 40.48
N ILE E 123 3.34 -14.00 40.09
CA ILE E 123 2.03 -14.48 39.64
C ILE E 123 2.18 -15.21 38.31
N GLN E 124 2.98 -14.67 37.41
CA GLN E 124 3.25 -15.33 36.15
C GLN E 124 3.73 -16.75 36.37
N ARG E 125 4.74 -16.89 37.22
CA ARG E 125 5.39 -18.18 37.44
C ARG E 125 4.55 -19.23 38.15
N PHE E 126 3.74 -18.81 39.13
CA PHE E 126 3.13 -19.80 40.02
C PHE E 126 1.62 -19.88 39.98
N ALA E 127 0.94 -18.85 39.50
CA ALA E 127 -0.50 -18.75 39.70
C ALA E 127 -1.27 -18.38 38.45
N TRP E 128 -0.56 -18.13 37.37
CA TRP E 128 -1.19 -17.67 36.14
C TRP E 128 -0.69 -18.48 34.94
N SER F 8 5.96 -7.07 -2.84
CA SER F 8 5.31 -7.61 -4.04
C SER F 8 4.30 -6.62 -4.57
N VAL F 9 3.35 -7.11 -5.36
CA VAL F 9 2.25 -6.29 -5.83
C VAL F 9 1.08 -6.39 -4.86
N PRO F 10 0.59 -5.24 -4.42
CA PRO F 10 -0.51 -5.26 -3.45
C PRO F 10 -1.79 -5.63 -4.17
N THR F 11 -2.65 -6.37 -3.51
CA THR F 11 -4.00 -6.62 -4.02
C THR F 11 -4.93 -6.52 -2.81
N SER F 12 -6.05 -5.82 -2.95
CA SER F 12 -6.97 -5.69 -1.83
C SER F 12 -7.90 -6.89 -1.76
N ARG F 13 -8.05 -7.46 -0.57
CA ARG F 13 -8.97 -8.58 -0.43
C ARG F 13 -9.50 -8.71 0.98
N TYR F 14 -10.62 -9.41 1.11
CA TYR F 14 -11.13 -9.81 2.42
C TYR F 14 -10.69 -11.22 2.79
N LEU F 15 -10.19 -11.38 4.01
CA LEU F 15 -9.92 -12.70 4.55
C LEU F 15 -10.88 -12.93 5.69
N SER F 16 -11.82 -13.84 5.50
CA SER F 16 -12.83 -14.12 6.52
C SER F 16 -12.90 -15.59 6.84
N ASP F 17 -13.11 -15.91 8.13
CA ASP F 17 -13.40 -17.29 8.52
C ASP F 17 -14.84 -17.44 9.01
N MET F 18 -15.65 -16.42 8.71
CA MET F 18 -17.09 -16.52 8.85
C MET F 18 -17.71 -16.83 7.50
N THR F 19 -18.77 -17.64 7.49
CA THR F 19 -19.55 -17.88 6.30
C THR F 19 -20.32 -16.62 5.98
N LEU F 20 -20.75 -16.48 4.72
CA LEU F 20 -21.58 -15.33 4.40
C LEU F 20 -22.81 -15.34 5.29
N GLU F 21 -23.35 -16.51 5.58
CA GLU F 21 -24.53 -16.58 6.44
C GLU F 21 -24.24 -16.00 7.84
N GLU F 22 -23.11 -16.38 8.42
CA GLU F 22 -22.71 -15.90 9.76
C GLU F 22 -22.52 -14.38 9.81
N MET F 23 -21.94 -13.82 8.75
CA MET F 23 -21.79 -12.37 8.63
C MET F 23 -23.14 -11.67 8.47
N SER F 24 -24.09 -12.38 7.86
CA SER F 24 -25.36 -11.80 7.42
C SER F 24 -26.43 -11.87 8.51
N ARG F 25 -26.33 -12.92 9.33
CA ARG F 25 -27.35 -13.25 10.32
C ARG F 25 -27.66 -12.09 11.26
N ASP F 26 -28.93 -11.88 11.53
CA ASP F 26 -29.28 -10.89 12.54
C ASP F 26 -29.29 -11.64 13.85
N TRP F 27 -28.99 -10.93 14.93
CA TRP F 27 -28.95 -11.53 16.24
C TRP F 27 -29.24 -10.42 17.25
N PHE F 28 -29.60 -10.81 18.46
CA PHE F 28 -29.78 -9.83 19.52
C PHE F 28 -29.21 -10.37 20.81
N MET F 29 -28.81 -9.45 21.68
CA MET F 29 -28.28 -9.82 22.98
C MET F 29 -29.41 -9.92 24.00
N LEU F 30 -29.32 -10.91 24.87
CA LEU F 30 -30.27 -11.01 25.98
C LEU F 30 -30.07 -9.89 26.98
N MET F 31 -28.80 -9.62 27.28
CA MET F 31 -28.43 -8.58 28.23
C MET F 31 -27.38 -7.68 27.59
N PRO F 32 -27.82 -6.78 26.70
CA PRO F 32 -26.97 -5.95 25.84
C PRO F 32 -25.99 -5.03 26.55
N ARG F 33 -24.75 -5.04 26.09
CA ARG F 33 -23.74 -4.07 26.46
C ARG F 33 -23.07 -3.70 25.16
N GLN F 34 -22.71 -2.44 24.99
CA GLN F 34 -21.88 -2.05 23.87
C GLN F 34 -20.98 -0.91 24.30
N LYS F 35 -19.70 -1.02 24.00
CA LYS F 35 -18.74 0.03 24.28
C LYS F 35 -18.12 0.50 22.99
N ILE F 36 -17.85 1.80 22.93
CA ILE F 36 -17.08 2.36 21.83
C ILE F 36 -15.62 2.41 22.25
N ILE F 37 -14.77 1.73 21.49
CA ILE F 37 -13.37 1.63 21.83
C ILE F 37 -12.60 2.26 20.68
N GLY F 38 -12.22 3.52 20.83
CA GLY F 38 -11.66 4.24 19.71
C GLY F 38 -12.68 4.28 18.59
N PRO F 39 -12.25 3.96 17.37
CA PRO F 39 -13.07 3.97 16.15
C PRO F 39 -13.99 2.75 15.96
N LEU F 40 -14.08 1.89 16.97
CA LEU F 40 -14.82 0.63 16.85
C LEU F 40 -15.90 0.46 17.92
N CYS F 41 -16.96 -0.27 17.56
CA CYS F 41 -18.03 -0.59 18.47
C CYS F 41 -17.89 -2.05 18.95
N VAL F 42 -17.85 -2.25 20.26
CA VAL F 42 -17.85 -3.60 20.81
C VAL F 42 -19.17 -3.90 21.49
N ARG F 43 -19.76 -5.02 21.12
CA ARG F 43 -21.00 -5.46 21.72
C ARG F 43 -20.77 -6.82 22.35
N LEU F 44 -21.33 -7.03 23.53
CA LEU F 44 -21.20 -8.31 24.22
C LEU F 44 -22.46 -8.62 25.01
N ASP F 45 -22.99 -9.82 24.79
CA ASP F 45 -24.16 -10.26 25.52
C ASP F 45 -23.73 -10.66 26.92
N GLN F 46 -24.21 -9.92 27.91
CA GLN F 46 -23.91 -10.18 29.32
C GLN F 46 -24.51 -11.46 29.85
N ALA F 47 -25.51 -11.98 29.14
CA ALA F 47 -26.18 -13.20 29.56
C ALA F 47 -25.30 -14.43 29.38
N ILE F 48 -24.14 -14.28 28.76
CA ILE F 48 -23.34 -15.44 28.38
C ILE F 48 -22.18 -15.71 29.35
N MET F 49 -22.31 -16.76 30.15
CA MET F 49 -21.32 -17.09 31.18
C MET F 49 -20.84 -18.54 31.14
N GLU F 50 -19.56 -18.73 31.43
CA GLU F 50 -18.97 -20.06 31.56
C GLU F 50 -19.25 -20.98 30.38
N LYS F 51 -19.06 -20.46 29.17
CA LYS F 51 -19.22 -21.20 27.93
C LYS F 51 -17.91 -21.17 27.15
N ASN F 52 -17.77 -22.08 26.20
CA ASN F 52 -16.65 -22.00 25.26
C ASN F 52 -17.08 -21.09 24.11
N ILE F 53 -16.32 -20.03 23.87
CA ILE F 53 -16.67 -19.09 22.83
C ILE F 53 -15.53 -19.00 21.85
N VAL F 54 -15.85 -18.93 20.56
CA VAL F 54 -14.82 -18.72 19.56
C VAL F 54 -15.06 -17.40 18.80
N LEU F 55 -13.99 -16.64 18.58
CA LEU F 55 -14.07 -15.41 17.82
C LEU F 55 -13.74 -15.71 16.36
N LYS F 56 -14.50 -15.12 15.44
CA LYS F 56 -14.19 -15.22 14.00
C LYS F 56 -14.29 -13.84 13.39
N ALA F 57 -13.51 -13.57 12.34
CA ALA F 57 -13.47 -12.23 11.78
C ALA F 57 -13.42 -12.16 10.25
N ASN F 58 -13.92 -11.05 9.73
CA ASN F 58 -13.73 -10.72 8.33
C ASN F 58 -12.98 -9.40 8.28
N PHE F 59 -11.79 -9.40 7.70
CA PHE F 59 -11.09 -8.13 7.57
C PHE F 59 -10.44 -7.91 6.23
N SER F 60 -10.17 -6.64 5.98
CA SER F 60 -9.52 -6.19 4.77
C SER F 60 -8.00 -6.24 4.95
N VAL F 61 -7.35 -6.79 3.94
CA VAL F 61 -5.92 -6.96 3.98
C VAL F 61 -5.25 -6.46 2.69
N ILE F 62 -4.03 -5.98 2.86
CA ILE F 62 -3.16 -5.72 1.73
C ILE F 62 -1.82 -6.16 2.30
N PHE F 63 -1.08 -6.97 1.55
CA PHE F 63 0.07 -7.69 2.07
C PHE F 63 -0.38 -8.63 3.19
N ASN F 64 0.41 -8.76 4.24
CA ASN F 64 0.10 -9.77 5.26
C ASN F 64 -0.16 -9.19 6.64
N ARG F 65 -1.02 -8.17 6.68
CA ARG F 65 -1.50 -7.63 7.94
C ARG F 65 -2.84 -6.95 7.76
N LEU F 66 -3.60 -6.94 8.84
CA LEU F 66 -4.93 -6.39 8.82
C LEU F 66 -4.83 -4.94 8.47
N GLU F 67 -5.69 -4.49 7.57
CA GLU F 67 -5.78 -3.07 7.28
C GLU F 67 -7.05 -2.49 7.87
N THR F 68 -8.13 -3.25 7.79
CA THR F 68 -9.40 -2.76 8.32
C THR F 68 -10.22 -3.96 8.79
N LEU F 69 -10.87 -3.81 9.94
CA LEU F 69 -11.80 -4.83 10.38
C LEU F 69 -13.16 -4.54 9.78
N ILE F 70 -13.70 -5.51 9.05
CA ILE F 70 -15.05 -5.39 8.53
C ILE F 70 -16.07 -5.85 9.58
N LEU F 71 -15.83 -7.03 10.15
CA LEU F 71 -16.72 -7.57 11.19
C LEU F 71 -16.06 -8.72 11.92
N LEU F 72 -16.16 -8.71 13.24
CA LEU F 72 -15.75 -9.85 14.05
C LEU F 72 -16.93 -10.22 14.91
N ARG F 73 -17.19 -11.52 15.04
CA ARG F 73 -18.25 -12.01 15.90
C ARG F 73 -17.78 -13.16 16.79
N ALA F 74 -18.45 -13.29 17.91
CA ALA F 74 -18.17 -14.33 18.89
C ALA F 74 -19.33 -15.31 18.86
N PHE F 75 -19.02 -16.60 18.85
CA PHE F 75 -20.01 -17.66 18.65
C PHE F 75 -19.94 -18.69 19.79
N THR F 76 -21.09 -19.20 20.20
CA THR F 76 -21.11 -20.33 21.13
C THR F 76 -20.79 -21.59 20.35
N GLU F 77 -20.68 -22.71 21.05
CA GLU F 77 -20.31 -23.96 20.41
C GLU F 77 -21.41 -24.43 19.46
N GLU F 78 -22.62 -23.92 19.66
CA GLU F 78 -23.74 -24.27 18.79
C GLU F 78 -24.05 -23.20 17.74
N GLY F 79 -23.12 -22.27 17.53
CA GLY F 79 -23.22 -21.34 16.42
C GLY F 79 -23.96 -20.05 16.67
N ALA F 80 -24.41 -19.82 17.89
CA ALA F 80 -25.12 -18.59 18.22
C ALA F 80 -24.15 -17.44 18.47
N ILE F 81 -24.55 -16.24 18.04
CA ILE F 81 -23.73 -15.05 18.18
C ILE F 81 -23.91 -14.38 19.54
N VAL F 82 -22.81 -14.12 20.24
CA VAL F 82 -22.94 -13.51 21.56
C VAL F 82 -22.19 -12.19 21.68
N GLY F 83 -21.43 -11.84 20.64
CA GLY F 83 -20.68 -10.61 20.68
C GLY F 83 -20.19 -10.22 19.30
N GLU F 84 -19.70 -9.00 19.18
CA GLU F 84 -19.36 -8.45 17.88
C GLU F 84 -18.52 -7.21 18.00
N ILE F 85 -17.59 -7.06 17.06
CA ILE F 85 -16.84 -5.81 16.91
C ILE F 85 -17.01 -5.34 15.46
N SER F 86 -17.34 -4.07 15.28
CA SER F 86 -17.51 -3.54 13.95
C SER F 86 -17.21 -2.06 13.94
N PRO F 87 -16.84 -1.53 12.75
CA PRO F 87 -16.51 -0.11 12.54
C PRO F 87 -17.67 0.79 12.84
N LEU F 88 -17.40 1.94 13.44
CA LEU F 88 -18.47 2.86 13.82
C LEU F 88 -19.28 3.29 12.60
N PRO F 89 -20.47 3.84 12.84
CA PRO F 89 -21.37 4.41 11.82
C PRO F 89 -20.71 5.54 11.02
N SER F 90 -19.96 6.42 11.68
CA SER F 90 -19.20 7.44 10.97
C SER F 90 -17.99 6.86 10.24
N LEU F 91 -17.78 5.55 10.39
CA LEU F 91 -16.69 4.81 9.71
C LEU F 91 -15.36 5.56 9.63
N PRO F 92 -14.89 6.07 10.78
CA PRO F 92 -13.79 7.03 10.84
C PRO F 92 -12.37 6.47 10.57
N GLY F 93 -12.27 5.26 10.04
CA GLY F 93 -10.96 4.70 9.75
C GLY F 93 -10.15 4.33 10.98
N HIS F 94 -9.49 3.17 10.93
CA HIS F 94 -8.74 2.67 12.07
C HIS F 94 -7.57 1.84 11.60
N THR F 95 -6.73 1.43 12.54
CA THR F 95 -5.56 0.61 12.23
C THR F 95 -5.62 -0.74 12.96
N TYR F 96 -4.67 -1.59 12.59
CA TYR F 96 -4.41 -2.85 13.26
C TYR F 96 -4.38 -2.69 14.79
N GLU F 97 -3.75 -1.61 15.25
CA GLU F 97 -3.64 -1.34 16.68
C GLU F 97 -5.00 -1.07 17.32
N ASP F 98 -5.87 -0.38 16.60
CA ASP F 98 -7.21 -0.12 17.11
C ASP F 98 -7.98 -1.43 17.24
N VAL F 99 -7.83 -2.30 16.27
CA VAL F 99 -8.52 -3.59 16.29
C VAL F 99 -8.06 -4.43 17.49
N LYS F 100 -6.76 -4.53 17.71
CA LYS F 100 -6.24 -5.27 18.86
C LYS F 100 -6.77 -4.74 20.18
N ASN F 101 -6.79 -3.42 20.33
CA ASN F 101 -7.43 -2.80 21.48
C ASN F 101 -8.86 -3.31 21.68
N ALA F 102 -9.68 -3.22 20.64
CA ALA F 102 -11.07 -3.66 20.71
C ALA F 102 -11.22 -5.17 21.01
N VAL F 103 -10.39 -5.98 20.38
CA VAL F 103 -10.39 -7.41 20.63
C VAL F 103 -10.05 -7.69 22.11
N GLY F 104 -9.06 -6.98 22.66
CA GLY F 104 -8.71 -7.13 24.06
C GLY F 104 -9.88 -6.85 24.98
N VAL F 105 -10.66 -5.83 24.64
CA VAL F 105 -11.83 -5.44 25.43
C VAL F 105 -12.92 -6.51 25.38
N LEU F 106 -13.19 -7.01 24.17
CA LEU F 106 -14.19 -8.05 23.98
C LEU F 106 -13.83 -9.34 24.72
N ILE F 107 -12.60 -9.80 24.54
CA ILE F 107 -12.11 -10.98 25.22
C ILE F 107 -12.18 -10.78 26.75
N GLY F 108 -11.73 -9.61 27.20
CA GLY F 108 -11.80 -9.29 28.62
C GLY F 108 -13.21 -9.45 29.14
N GLY F 109 -14.18 -8.88 28.42
CA GLY F 109 -15.59 -8.97 28.82
C GLY F 109 -16.08 -10.40 28.90
N LEU F 110 -15.67 -11.22 27.94
CA LEU F 110 -16.08 -12.62 27.91
C LEU F 110 -15.46 -13.39 29.07
N GLU F 111 -14.20 -13.10 29.36
CA GLU F 111 -13.50 -13.79 30.44
C GLU F 111 -13.94 -13.33 31.84
N TRP F 112 -14.35 -12.07 31.95
CA TRP F 112 -14.98 -11.61 33.17
C TRP F 112 -16.21 -12.46 33.47
N ASN F 113 -16.90 -12.89 32.42
CA ASN F 113 -18.10 -13.71 32.61
C ASN F 113 -17.81 -15.19 32.64
N GLY F 114 -16.54 -15.50 32.85
CA GLY F 114 -16.13 -16.87 33.09
C GLY F 114 -16.08 -17.74 31.85
N ASN F 115 -16.10 -17.13 30.67
CA ASN F 115 -16.11 -17.89 29.41
C ASN F 115 -14.72 -18.31 29.02
N THR F 116 -14.62 -19.45 28.36
CA THR F 116 -13.33 -19.86 27.80
C THR F 116 -13.31 -19.44 26.33
N VAL F 117 -12.34 -18.60 25.97
CA VAL F 117 -12.34 -17.95 24.66
C VAL F 117 -11.25 -18.50 23.74
N ARG F 118 -11.66 -19.05 22.60
CA ARG F 118 -10.72 -19.38 21.55
C ARG F 118 -10.76 -18.29 20.48
N VAL F 119 -9.59 -17.90 20.01
CA VAL F 119 -9.48 -16.96 18.93
C VAL F 119 -9.14 -17.78 17.68
N SER F 120 -9.85 -17.57 16.58
CA SER F 120 -9.56 -18.32 15.37
C SER F 120 -8.14 -18.05 14.90
N GLU F 121 -7.62 -18.89 14.01
CA GLU F 121 -6.27 -18.69 13.51
C GLU F 121 -6.20 -17.52 12.51
N ASN F 122 -7.32 -17.22 11.87
CA ASN F 122 -7.41 -15.99 11.09
C ASN F 122 -6.99 -14.81 11.98
N ILE F 123 -7.68 -14.67 13.10
CA ILE F 123 -7.40 -13.59 14.06
C ILE F 123 -6.01 -13.68 14.70
N GLN F 124 -5.58 -14.87 15.08
CA GLN F 124 -4.27 -15.01 15.69
C GLN F 124 -3.19 -14.47 14.77
N ARG F 125 -3.36 -14.71 13.47
CA ARG F 125 -2.40 -14.26 12.49
C ARG F 125 -2.29 -12.73 12.37
N PHE F 126 -3.41 -12.03 12.50
CA PHE F 126 -3.47 -10.63 12.12
C PHE F 126 -3.83 -9.66 13.24
N ALA F 127 -4.32 -10.18 14.36
CA ALA F 127 -4.73 -9.30 15.45
C ALA F 127 -4.64 -9.89 16.85
N TRP F 128 -4.05 -11.08 16.99
CA TRP F 128 -3.94 -11.69 18.30
C TRP F 128 -2.97 -12.87 18.35
#